data_8DCM
#
_entry.id   8DCM
#
_cell.length_a   70.229
_cell.length_b   118.480
_cell.length_c   166.119
_cell.angle_alpha   90.000
_cell.angle_beta   90.000
_cell.angle_gamma   90.000
#
_symmetry.space_group_name_H-M   'P 21 21 21'
#
loop_
_entity.id
_entity.type
_entity.pdbx_description
1 polymer 'BINTOXB/22 Fab heavy chain'
2 polymer 'BINTOXB/22 Fab light chain'
3 polymer 'ADP-ribosylating binary toxin binding subunit CdtB'
4 non-polymer 'CALCIUM ION'
5 non-polymer 'SODIUM ION'
6 water water
#
loop_
_entity_poly.entity_id
_entity_poly.type
_entity_poly.pdbx_seq_one_letter_code
_entity_poly.pdbx_strand_id
1 'polypeptide(L)'
;QIQLVQSGPELKKPGETVKISCKASGYTFTNYGMNWVKQAPGKDLKWMGWMSTYTGEPTYADDFKGRFAFSLETSASTAY
LQINNLKNEDMATYFCARRGNYLSFDYWGQGTTLTVSSASTTPPSVYPLAPGSAAQTNSMVTLGCLVKGYFPEPVTVTWN
SGSLSSGVHTFPAVLQSDLYTLSSSVTVPSSTWPSETVTCNVAHPASSTKVDKKIVPRDCGKGLEVLFQ
;
A
2 'polypeptide(L)'
;DIVMTQSHKFMSTSVGDRVSITCKASQDVSTAVGWYQQKPGQSPKLLIYSASYRYTGVPDRFTGSGSGTDFTFTISSVQA
EDLAVYYCQQHYSPPFTFGSGTELEIKRADAAPTVSIFPPSSEQLTSGGASVVCFLNNFYPKDINVKWKIDGSERQNGVL
NSWTDQDSKDSTYSMSSTLTLTKDEYERHNSYTCEATQGTTSIVKSFNRNEC
;
B
3 'polypeptide(L)'
;MEIVNEDILPNNGLMGYYFTDEHFKDLKLMAPIKDGNLKFEEKKVDKLLDKDKSDVKSIRWTGRIIPSKDGEYTLSTDRD
DVLMQVNTESTISNTLKVNMKKGKEYKVRIELQDKNLGSIDNLSSPNLYWELDGMKKIIPEENLFLRDYSNIEKDDPFIP
NNNFFDPKLMSDWEDEDLDTDNDNIPDSYERNGYTIKDLIAVKWEDSFAEQGYKKYVSNYLESNTAGDPYTDYEKASGSF
DKAIKTEARDPLVAAYPIVGVGMEKLIISTNEHASTDQGKTVSRATTNSKTESNTAGVSVNVGYQNGFTANVTTNYSHTT
DNSTAVQDSNGESWNTGLSINKGESAYINANVRYYNTGTAPMYKVTPTTNLVLDGDTLSTIKAQENQIGNNLSPGDTYPK
KGLSPLALNTMDQFSSRLIPINYDQLKKLDAGKQIKLETTQVSGNFGTKNSSGQIVTEGNSWSDYISQIDSISASIILDT
ENESYERRVTAKNLQDPEDKTPELTIGEAIEKAFGATKKDGLLYFNDIPIDESCVELIFDDNTANKIKDSLKTLSDKKIY
NVKLERGMNILIKTPTYFTNFDDYNNYPSTWSNVNTTNQDGLQGSANKLNGETKIKIPMSELKPYKRYVFSGYSKDPLTS
NSIIVKIKAKEEKTDYLVPEQGYTKFSYEFETTEKDSSNIEITLIGSGTTYLDNLSITELNSTPEHHHHHH
;
C
#
# COMPACT_ATOMS: atom_id res chain seq x y z
N GLN A 1 2.10 -5.47 5.73
CA GLN A 1 1.43 -5.77 4.47
C GLN A 1 0.31 -4.79 4.20
N ILE A 2 -0.70 -5.22 3.45
CA ILE A 2 -1.79 -4.33 3.08
C ILE A 2 -2.61 -3.99 4.32
N GLN A 3 -2.87 -2.69 4.51
CA GLN A 3 -3.64 -2.23 5.66
C GLN A 3 -4.62 -1.16 5.23
N LEU A 4 -5.85 -1.28 5.72
CA LEU A 4 -6.88 -0.25 5.57
C LEU A 4 -7.17 0.31 6.96
N VAL A 5 -6.88 1.59 7.16
CA VAL A 5 -6.97 2.22 8.47
C VAL A 5 -8.02 3.33 8.39
N GLN A 6 -9.10 3.16 9.13
CA GLN A 6 -10.18 4.14 9.13
C GLN A 6 -10.05 5.10 10.30
N SER A 7 -10.75 6.22 10.20
CA SER A 7 -10.77 7.20 11.28
C SER A 7 -11.61 6.70 12.44
N GLY A 8 -11.48 7.39 13.58
CA GLY A 8 -11.99 6.89 14.83
C GLY A 8 -13.51 6.97 14.92
N PRO A 9 -14.04 6.59 16.07
CA PRO A 9 -15.49 6.58 16.25
C PRO A 9 -16.07 7.98 16.22
N GLU A 10 -17.33 8.08 15.81
CA GLU A 10 -17.98 9.35 15.58
C GLU A 10 -19.25 9.44 16.41
N LEU A 11 -19.45 10.59 17.06
CA LEU A 11 -20.68 10.91 17.76
C LEU A 11 -21.25 12.16 17.14
N LYS A 12 -22.48 12.08 16.62
CA LYS A 12 -23.08 13.16 15.87
C LYS A 12 -24.55 13.33 16.26
N LYS A 13 -25.01 14.57 16.18
CA LYS A 13 -26.42 14.86 16.35
C LYS A 13 -27.17 14.61 15.04
N PRO A 14 -28.48 14.34 15.11
CA PRO A 14 -29.25 14.24 13.87
C PRO A 14 -29.20 15.55 13.10
N GLY A 15 -29.08 15.43 11.77
CA GLY A 15 -28.96 16.58 10.90
C GLY A 15 -27.54 17.07 10.67
N GLU A 16 -26.57 16.54 11.41
CA GLU A 16 -25.18 16.92 11.23
C GLU A 16 -24.55 16.12 10.09
N THR A 17 -23.31 16.48 9.75
CA THR A 17 -22.55 15.80 8.72
C THR A 17 -21.34 15.12 9.34
N VAL A 18 -20.98 13.96 8.80
CA VAL A 18 -19.83 13.19 9.27
C VAL A 18 -19.03 12.73 8.05
N LYS A 19 -17.71 12.72 8.19
CA LYS A 19 -16.80 12.28 7.13
C LYS A 19 -15.88 11.22 7.67
N ILE A 20 -15.99 10.00 7.15
CA ILE A 20 -15.13 8.88 7.50
C ILE A 20 -14.03 8.77 6.46
N SER A 21 -12.80 8.58 6.92
CA SER A 21 -11.66 8.39 6.03
C SER A 21 -11.19 6.95 6.08
N CYS A 22 -10.50 6.52 5.02
CA CYS A 22 -9.98 5.16 4.91
C CYS A 22 -8.64 5.26 4.18
N LYS A 23 -7.55 5.13 4.93
CA LYS A 23 -6.21 5.22 4.36
C LYS A 23 -5.70 3.83 3.99
N ALA A 24 -5.29 3.67 2.74
CA ALA A 24 -4.76 2.42 2.23
C ALA A 24 -3.25 2.45 2.18
N SER A 25 -2.63 1.31 2.46
CA SER A 25 -1.19 1.14 2.32
C SER A 25 -0.90 -0.31 1.94
N GLY A 26 0.30 -0.54 1.42
CA GLY A 26 0.73 -1.87 1.06
C GLY A 26 0.32 -2.34 -0.33
N TYR A 27 -0.47 -1.57 -1.06
CA TYR A 27 -0.84 -1.91 -2.42
C TYR A 27 -0.97 -0.64 -3.24
N THR A 28 -0.98 -0.79 -4.56
CA THR A 28 -1.14 0.36 -5.45
C THR A 28 -2.58 0.84 -5.37
N PHE A 29 -2.80 1.96 -4.67
CA PHE A 29 -4.14 2.42 -4.35
C PHE A 29 -5.03 2.54 -5.58
N THR A 30 -4.49 3.13 -6.65
CA THR A 30 -5.27 3.42 -7.84
C THR A 30 -5.56 2.18 -8.69
N ASN A 31 -5.01 1.01 -8.34
CA ASN A 31 -5.25 -0.21 -9.09
C ASN A 31 -6.46 -0.99 -8.60
N TYR A 32 -7.01 -0.64 -7.44
CA TYR A 32 -8.17 -1.32 -6.89
C TYR A 32 -9.13 -0.28 -6.33
N GLY A 33 -10.44 -0.51 -6.55
CA GLY A 33 -11.45 0.35 -6.00
C GLY A 33 -11.60 0.16 -4.50
N MET A 34 -12.51 0.96 -3.93
CA MET A 34 -12.79 0.92 -2.49
C MET A 34 -14.29 0.73 -2.30
N ASN A 35 -14.67 -0.38 -1.70
CA ASN A 35 -16.06 -0.57 -1.28
C ASN A 35 -16.31 0.12 0.05
N TRP A 36 -17.55 0.50 0.28
CA TRP A 36 -18.02 0.94 1.58
C TRP A 36 -19.18 0.05 2.01
N VAL A 37 -19.16 -0.37 3.27
CA VAL A 37 -20.14 -1.31 3.80
C VAL A 37 -20.69 -0.77 5.11
N LYS A 38 -22.00 -0.90 5.28
CA LYS A 38 -22.69 -0.50 6.49
C LYS A 38 -23.17 -1.73 7.25
N GLN A 39 -23.03 -1.70 8.57
CA GLN A 39 -23.51 -2.77 9.45
C GLN A 39 -24.26 -2.11 10.60
N ALA A 40 -25.59 -2.06 10.49
CA ALA A 40 -26.43 -1.51 11.53
C ALA A 40 -26.49 -2.46 12.72
N PRO A 41 -26.73 -1.93 13.94
CA PRO A 41 -26.74 -2.74 15.17
C PRO A 41 -27.30 -4.15 15.05
N GLY A 42 -28.43 -4.31 14.36
CA GLY A 42 -29.05 -5.61 14.26
C GLY A 42 -29.19 -6.16 12.86
N LYS A 43 -28.69 -5.42 11.88
CA LYS A 43 -28.87 -5.77 10.47
C LYS A 43 -27.62 -6.41 9.89
N ASP A 44 -27.80 -7.00 8.71
CA ASP A 44 -26.71 -7.68 8.02
C ASP A 44 -25.77 -6.66 7.36
N LEU A 45 -24.64 -7.17 6.86
CA LEU A 45 -23.70 -6.33 6.14
C LEU A 45 -24.33 -5.87 4.83
N LYS A 46 -24.38 -4.54 4.63
CA LYS A 46 -24.98 -3.94 3.45
C LYS A 46 -23.92 -3.19 2.67
N TRP A 47 -23.83 -3.49 1.37
CA TRP A 47 -22.95 -2.77 0.47
C TRP A 47 -23.53 -1.41 0.17
N MET A 48 -22.77 -0.36 0.47
CA MET A 48 -23.22 1.00 0.21
C MET A 48 -22.85 1.47 -1.19
N GLY A 49 -21.83 0.88 -1.78
CA GLY A 49 -21.33 1.31 -3.07
C GLY A 49 -19.82 1.20 -3.08
N TRP A 50 -19.23 1.69 -4.17
CA TRP A 50 -17.78 1.70 -4.25
C TRP A 50 -17.30 2.96 -4.94
N MET A 51 -16.01 3.23 -4.76
CA MET A 51 -15.32 4.34 -5.39
C MET A 51 -14.22 3.79 -6.27
N SER A 52 -14.24 4.14 -7.55
CA SER A 52 -13.17 3.76 -8.45
C SER A 52 -11.97 4.66 -8.19
N THR A 53 -10.87 4.08 -7.71
CA THR A 53 -9.66 4.85 -7.51
C THR A 53 -8.95 5.15 -8.83
N TYR A 54 -9.46 4.64 -9.95
CA TYR A 54 -8.91 4.92 -11.27
C TYR A 54 -9.61 6.11 -11.93
N THR A 55 -10.94 6.13 -11.89
CA THR A 55 -11.71 7.23 -12.46
C THR A 55 -12.13 8.27 -11.43
N GLY A 56 -12.09 7.93 -10.14
CA GLY A 56 -12.65 8.82 -9.14
C GLY A 56 -14.16 8.89 -9.13
N GLU A 57 -14.83 8.04 -9.92
CA GLU A 57 -16.29 8.03 -10.01
C GLU A 57 -16.88 7.12 -8.96
N PRO A 58 -17.85 7.58 -8.19
CA PRO A 58 -18.52 6.70 -7.23
C PRO A 58 -19.68 5.96 -7.86
N THR A 59 -19.95 4.78 -7.32
CA THR A 59 -21.15 4.00 -7.61
C THR A 59 -21.86 3.75 -6.30
N TYR A 60 -23.14 4.09 -6.25
CA TYR A 60 -23.92 3.98 -5.01
C TYR A 60 -24.97 2.88 -5.14
N ALA A 61 -25.09 2.08 -4.09
CA ALA A 61 -26.22 1.16 -4.01
C ALA A 61 -27.52 1.95 -3.90
N ASP A 62 -28.62 1.31 -4.30
CA ASP A 62 -29.90 2.01 -4.41
C ASP A 62 -30.33 2.62 -3.09
N ASP A 63 -30.05 1.93 -1.98
CA ASP A 63 -30.47 2.41 -0.67
C ASP A 63 -29.62 3.55 -0.14
N PHE A 64 -28.54 3.93 -0.85
CA PHE A 64 -27.62 4.95 -0.37
C PHE A 64 -27.42 6.05 -1.41
N LYS A 65 -28.47 6.36 -2.16
CA LYS A 65 -28.42 7.44 -3.14
C LYS A 65 -29.10 8.67 -2.55
N GLY A 66 -28.34 9.75 -2.41
CA GLY A 66 -28.85 10.97 -1.83
C GLY A 66 -27.91 11.64 -0.85
N ARG A 67 -27.90 11.14 0.40
CA ARG A 67 -27.16 11.78 1.47
C ARG A 67 -25.71 11.31 1.59
N PHE A 68 -25.29 10.36 0.75
CA PHE A 68 -23.99 9.74 0.87
C PHE A 68 -23.09 10.19 -0.27
N ALA A 69 -21.81 10.37 0.04
CA ALA A 69 -20.84 10.89 -0.92
C ALA A 69 -19.51 10.21 -0.66
N PHE A 70 -19.03 9.45 -1.65
CA PHE A 70 -17.67 8.94 -1.62
C PHE A 70 -16.78 9.95 -2.32
N SER A 71 -15.57 10.13 -1.79
CA SER A 71 -14.60 11.02 -2.41
C SER A 71 -13.21 10.45 -2.24
N LEU A 72 -12.24 11.06 -2.91
CA LEU A 72 -10.92 10.49 -3.08
C LEU A 72 -9.83 11.52 -2.81
N GLU A 73 -8.73 11.05 -2.23
CA GLU A 73 -7.47 11.80 -2.15
C GLU A 73 -6.39 10.82 -2.56
N THR A 74 -6.19 10.71 -3.88
CA THR A 74 -5.23 9.76 -4.42
C THR A 74 -3.82 10.04 -3.91
N SER A 75 -3.48 11.33 -3.76
CA SER A 75 -2.16 11.69 -3.26
C SER A 75 -1.93 11.23 -1.82
N ALA A 76 -2.99 10.94 -1.08
CA ALA A 76 -2.88 10.41 0.27
C ALA A 76 -3.33 8.95 0.36
N SER A 77 -3.61 8.31 -0.77
CA SER A 77 -4.12 6.93 -0.80
C SER A 77 -5.30 6.76 0.15
N THR A 78 -6.17 7.77 0.18
CA THR A 78 -7.27 7.82 1.14
C THR A 78 -8.59 7.90 0.40
N ALA A 79 -9.54 7.08 0.81
CA ALA A 79 -10.92 7.18 0.39
C ALA A 79 -11.74 7.79 1.53
N TYR A 80 -12.79 8.51 1.17
CA TYR A 80 -13.64 9.17 2.16
C TYR A 80 -15.09 8.76 1.94
N LEU A 81 -15.83 8.68 3.04
CA LEU A 81 -17.28 8.50 3.01
C LEU A 81 -17.91 9.59 3.85
N GLN A 82 -18.68 10.46 3.21
CA GLN A 82 -19.39 11.53 3.89
C GLN A 82 -20.88 11.24 3.88
N ILE A 83 -21.51 11.36 5.03
CA ILE A 83 -22.96 11.23 5.18
C ILE A 83 -23.49 12.57 5.66
N ASN A 84 -24.40 13.14 4.89
CA ASN A 84 -25.00 14.44 5.21
C ASN A 84 -26.39 14.24 5.80
N ASN A 85 -26.80 15.21 6.61
CA ASN A 85 -28.13 15.24 7.22
C ASN A 85 -28.43 13.91 7.92
N LEU A 86 -27.70 13.68 9.01
CA LEU A 86 -27.69 12.38 9.64
C LEU A 86 -29.02 12.07 10.30
N LYS A 87 -29.42 10.81 10.20
CA LYS A 87 -30.61 10.28 10.85
C LYS A 87 -30.19 9.18 11.81
N ASN A 88 -31.14 8.71 12.62
CA ASN A 88 -30.84 7.64 13.57
C ASN A 88 -30.53 6.33 12.85
N GLU A 89 -31.16 6.07 11.70
CA GLU A 89 -30.87 4.87 10.93
C GLU A 89 -29.42 4.83 10.46
N ASP A 90 -28.77 5.98 10.35
CA ASP A 90 -27.35 6.04 9.99
C ASP A 90 -26.44 5.50 11.10
N MET A 91 -26.97 5.26 12.30
CA MET A 91 -26.18 4.67 13.36
C MET A 91 -25.77 3.25 12.98
N ALA A 92 -24.47 3.03 12.83
CA ALA A 92 -23.95 1.74 12.39
C ALA A 92 -22.43 1.77 12.46
N THR A 93 -21.82 0.63 12.19
CA THR A 93 -20.39 0.53 11.93
C THR A 93 -20.18 0.56 10.42
N TYR A 94 -19.30 1.45 9.96
CA TYR A 94 -19.00 1.60 8.55
C TYR A 94 -17.60 1.07 8.27
N PHE A 95 -17.51 0.18 7.28
CA PHE A 95 -16.25 -0.39 6.85
C PHE A 95 -15.92 0.09 5.44
N CYS A 96 -14.65 0.34 5.20
CA CYS A 96 -14.13 0.34 3.84
C CYS A 96 -13.53 -1.03 3.58
N ALA A 97 -13.61 -1.45 2.33
CA ALA A 97 -13.12 -2.77 1.93
C ALA A 97 -12.66 -2.68 0.50
N ARG A 98 -11.43 -3.13 0.24
CA ARG A 98 -10.88 -3.04 -1.10
C ARG A 98 -11.75 -3.80 -2.09
N ARG A 99 -12.04 -3.16 -3.21
CA ARG A 99 -12.57 -3.91 -4.35
C ARG A 99 -11.41 -4.73 -4.91
N GLY A 100 -11.19 -5.90 -4.34
CA GLY A 100 -9.97 -6.65 -4.56
C GLY A 100 -10.01 -7.54 -5.78
N ASN A 101 -9.16 -8.56 -5.76
CA ASN A 101 -9.09 -9.50 -6.87
C ASN A 101 -10.40 -10.24 -7.03
N TYR A 102 -10.90 -10.27 -8.26
CA TYR A 102 -12.17 -10.91 -8.60
C TYR A 102 -13.36 -10.28 -7.87
N LEU A 103 -13.22 -9.00 -7.49
CA LEU A 103 -14.21 -8.21 -6.76
C LEU A 103 -14.47 -8.73 -5.36
N SER A 104 -13.63 -9.62 -4.84
CA SER A 104 -13.75 -10.04 -3.45
C SER A 104 -13.36 -8.89 -2.53
N PHE A 105 -13.99 -8.85 -1.37
CA PHE A 105 -13.68 -7.83 -0.37
C PHE A 105 -12.48 -8.33 0.46
N ASP A 106 -11.30 -8.31 -0.19
CA ASP A 106 -10.18 -9.07 0.35
C ASP A 106 -9.46 -8.37 1.51
N TYR A 107 -9.58 -7.06 1.64
CA TYR A 107 -8.99 -6.36 2.78
C TYR A 107 -9.99 -5.34 3.30
N TRP A 108 -10.22 -5.36 4.61
CA TRP A 108 -11.21 -4.53 5.27
C TRP A 108 -10.55 -3.57 6.24
N GLY A 109 -11.11 -2.38 6.35
CA GLY A 109 -10.75 -1.50 7.44
C GLY A 109 -11.29 -2.01 8.76
N GLN A 110 -10.73 -1.49 9.85
CA GLN A 110 -11.14 -1.93 11.18
C GLN A 110 -12.55 -1.49 11.54
N GLY A 111 -13.13 -0.55 10.81
CA GLY A 111 -14.48 -0.10 11.05
C GLY A 111 -14.52 1.24 11.75
N THR A 112 -15.60 1.98 11.50
CA THR A 112 -15.85 3.26 12.15
C THR A 112 -17.29 3.24 12.65
N THR A 113 -17.47 3.18 13.97
CA THR A 113 -18.81 3.31 14.53
C THR A 113 -19.29 4.74 14.40
N LEU A 114 -20.56 4.90 14.07
CA LEU A 114 -21.20 6.21 14.00
C LEU A 114 -22.42 6.17 14.90
N THR A 115 -22.38 6.94 15.98
CA THR A 115 -23.50 7.04 16.90
C THR A 115 -24.23 8.34 16.62
N VAL A 116 -25.52 8.25 16.31
CA VAL A 116 -26.38 9.40 16.07
C VAL A 116 -27.28 9.57 17.29
N SER A 117 -27.21 10.73 17.93
CA SER A 117 -28.03 10.99 19.10
C SER A 117 -28.11 12.49 19.32
N SER A 118 -29.28 12.94 19.78
CA SER A 118 -29.46 14.33 20.16
C SER A 118 -28.76 14.67 21.46
N ALA A 119 -28.28 13.67 22.19
CA ALA A 119 -27.62 13.91 23.46
C ALA A 119 -26.15 14.29 23.27
N SER A 120 -25.66 15.12 24.17
CA SER A 120 -24.23 15.32 24.36
C SER A 120 -23.81 14.61 25.65
N THR A 121 -22.52 14.70 25.95
CA THR A 121 -21.92 13.92 27.04
C THR A 121 -22.70 14.09 28.34
N THR A 122 -23.20 12.97 28.87
CA THR A 122 -24.00 12.96 30.08
C THR A 122 -23.48 11.83 30.99
N PRO A 123 -23.16 12.12 32.24
CA PRO A 123 -22.75 11.07 33.16
C PRO A 123 -23.94 10.19 33.52
N PRO A 124 -23.71 8.96 33.94
CA PRO A 124 -24.81 8.07 34.28
C PRO A 124 -25.37 8.34 35.66
N SER A 125 -26.64 7.98 35.83
CA SER A 125 -27.22 7.78 37.14
C SER A 125 -27.06 6.31 37.49
N VAL A 126 -26.68 6.03 38.73
CA VAL A 126 -26.41 4.68 39.19
C VAL A 126 -27.39 4.34 40.29
N TYR A 127 -28.33 3.45 40.00
CA TYR A 127 -29.38 3.10 40.93
C TYR A 127 -29.17 1.71 41.48
N PRO A 128 -29.31 1.51 42.79
CA PRO A 128 -29.08 0.19 43.36
C PRO A 128 -30.22 -0.75 43.05
N LEU A 129 -29.89 -2.01 42.80
CA LEU A 129 -30.87 -3.06 42.62
C LEU A 129 -30.74 -4.01 43.80
N ALA A 130 -31.53 -3.78 44.82
CA ALA A 130 -31.55 -4.66 45.97
C ALA A 130 -32.86 -5.43 46.01
N PRO A 131 -32.85 -6.68 46.46
CA PRO A 131 -34.11 -7.39 46.70
C PRO A 131 -34.73 -7.06 48.05
N GLY A 132 -33.93 -6.60 49.00
CA GLY A 132 -34.42 -6.34 50.34
C GLY A 132 -34.22 -7.54 51.23
N SER A 133 -35.23 -8.38 51.32
CA SER A 133 -35.17 -9.62 52.06
C SER A 133 -35.96 -10.69 51.32
N ALA A 134 -35.86 -11.93 51.80
CA ALA A 134 -36.53 -13.09 51.22
C ALA A 134 -36.17 -13.25 49.74
N ALA A 135 -34.92 -13.63 49.51
CA ALA A 135 -34.42 -13.81 48.16
C ALA A 135 -33.08 -14.56 48.25
N GLN A 136 -33.12 -15.87 48.00
CA GLN A 136 -31.90 -16.68 48.07
C GLN A 136 -32.13 -17.96 47.27
N THR A 137 -31.63 -17.98 46.04
CA THR A 137 -31.70 -19.15 45.18
C THR A 137 -30.42 -19.96 45.33
N ASN A 138 -30.51 -21.14 45.94
CA ASN A 138 -29.39 -22.03 46.16
C ASN A 138 -28.28 -21.35 46.97
N SER A 139 -28.68 -20.82 48.13
CA SER A 139 -27.79 -20.17 49.07
C SER A 139 -27.11 -18.92 48.49
N MET A 140 -27.72 -18.33 47.46
CA MET A 140 -27.12 -17.21 46.73
C MET A 140 -28.11 -16.07 46.63
N VAL A 141 -27.62 -14.84 46.77
CA VAL A 141 -28.43 -13.64 46.61
C VAL A 141 -27.89 -12.83 45.45
N THR A 142 -28.79 -12.29 44.63
CA THR A 142 -28.44 -11.54 43.43
C THR A 142 -28.73 -10.07 43.64
N LEU A 143 -27.71 -9.25 43.54
CA LEU A 143 -27.81 -7.80 43.62
C LEU A 143 -27.49 -7.21 42.25
N GLY A 144 -27.75 -5.92 42.11
CA GLY A 144 -27.44 -5.28 40.85
C GLY A 144 -27.33 -3.77 41.00
N CYS A 145 -26.86 -3.13 39.93
CA CYS A 145 -26.92 -1.70 39.81
C CYS A 145 -27.38 -1.34 38.40
N LEU A 146 -28.24 -0.33 38.32
CA LEU A 146 -28.80 0.14 37.06
C LEU A 146 -28.08 1.42 36.66
N VAL A 147 -27.46 1.41 35.48
CA VAL A 147 -26.68 2.53 34.99
C VAL A 147 -27.47 3.17 33.86
N LYS A 148 -28.06 4.33 34.11
CA LYS A 148 -29.09 4.90 33.26
C LYS A 148 -28.73 6.31 32.81
N GLY A 149 -29.15 6.64 31.60
CA GLY A 149 -29.11 8.02 31.12
C GLY A 149 -27.74 8.60 30.85
N TYR A 150 -26.80 7.79 30.37
CA TYR A 150 -25.47 8.29 30.09
C TYR A 150 -25.21 8.33 28.59
N PHE A 151 -24.21 9.13 28.21
CA PHE A 151 -23.80 9.26 26.83
C PHE A 151 -22.40 9.86 26.81
N PRO A 152 -21.49 9.33 25.96
CA PRO A 152 -21.63 8.18 25.07
C PRO A 152 -21.09 6.91 25.71
N GLU A 153 -20.97 5.85 24.92
CA GLU A 153 -20.26 4.67 25.38
C GLU A 153 -18.77 4.98 25.51
N PRO A 154 -18.05 4.24 26.36
CA PRO A 154 -18.54 3.16 27.22
C PRO A 154 -18.59 3.53 28.69
N VAL A 155 -19.28 2.72 29.48
CA VAL A 155 -19.12 2.70 30.93
C VAL A 155 -18.60 1.31 31.31
N THR A 156 -17.66 1.28 32.24
CA THR A 156 -17.18 0.04 32.81
C THR A 156 -17.82 -0.16 34.17
N VAL A 157 -18.20 -1.40 34.47
CA VAL A 157 -18.82 -1.73 35.75
C VAL A 157 -18.00 -2.84 36.40
N THR A 158 -17.55 -2.58 37.63
CA THR A 158 -16.92 -3.60 38.46
C THR A 158 -17.67 -3.66 39.78
N TRP A 159 -17.44 -4.75 40.52
CA TRP A 159 -18.10 -4.98 41.80
C TRP A 159 -17.05 -5.13 42.88
N ASN A 160 -17.15 -4.30 43.92
CA ASN A 160 -16.16 -4.24 44.99
C ASN A 160 -14.75 -4.06 44.42
N SER A 161 -14.64 -3.12 43.47
CA SER A 161 -13.35 -2.72 42.89
C SER A 161 -12.62 -3.90 42.26
N GLY A 162 -13.37 -4.87 41.74
CA GLY A 162 -12.81 -6.04 41.09
C GLY A 162 -12.82 -7.29 41.93
N SER A 163 -12.92 -7.16 43.26
CA SER A 163 -12.85 -8.33 44.13
C SER A 163 -13.98 -9.32 43.84
N LEU A 164 -15.13 -8.82 43.39
CA LEU A 164 -16.21 -9.67 42.89
C LEU A 164 -16.12 -9.67 41.36
N SER A 165 -15.55 -10.74 40.81
CA SER A 165 -15.47 -10.93 39.37
C SER A 165 -16.34 -12.10 38.92
N SER A 166 -16.12 -13.29 39.47
CA SER A 166 -17.03 -14.40 39.21
C SER A 166 -18.40 -14.08 39.78
N GLY A 167 -19.44 -14.56 39.10
CA GLY A 167 -20.80 -14.25 39.46
C GLY A 167 -21.28 -12.90 39.02
N VAL A 168 -20.52 -12.21 38.17
CA VAL A 168 -20.90 -10.91 37.65
C VAL A 168 -21.39 -11.08 36.22
N HIS A 169 -22.54 -10.47 35.91
CA HIS A 169 -23.02 -10.30 34.55
C HIS A 169 -23.27 -8.82 34.34
N THR A 170 -22.47 -8.20 33.49
CA THR A 170 -22.71 -6.83 33.07
C THR A 170 -23.34 -6.86 31.68
N PHE A 171 -24.46 -6.27 31.57
CA PHE A 171 -25.16 -6.51 30.32
C PHE A 171 -24.88 -5.39 29.33
N PRO A 172 -24.82 -5.72 28.03
CA PRO A 172 -24.50 -4.70 27.03
C PRO A 172 -25.49 -3.55 27.09
N ALA A 173 -24.97 -2.34 26.87
CA ALA A 173 -25.78 -1.14 26.96
C ALA A 173 -26.74 -1.04 25.77
N VAL A 174 -27.90 -0.47 26.02
CA VAL A 174 -28.93 -0.26 25.00
C VAL A 174 -29.21 1.23 24.92
N LEU A 175 -29.22 1.77 23.70
CA LEU A 175 -29.50 3.17 23.46
C LEU A 175 -31.00 3.36 23.34
N GLN A 176 -31.61 4.04 24.32
CA GLN A 176 -33.03 4.34 24.31
C GLN A 176 -33.21 5.82 24.64
N SER A 177 -34.03 6.50 23.84
CA SER A 177 -34.27 7.94 24.00
C SER A 177 -32.95 8.71 24.03
N ASP A 178 -32.08 8.39 23.07
CA ASP A 178 -30.81 9.05 22.82
C ASP A 178 -29.80 8.90 23.95
N LEU A 179 -30.12 8.16 25.00
CA LEU A 179 -29.19 7.88 26.09
C LEU A 179 -29.03 6.38 26.25
N TYR A 180 -27.92 5.99 26.88
CA TYR A 180 -27.60 4.60 27.10
C TYR A 180 -28.07 4.15 28.48
N THR A 181 -28.45 2.89 28.56
CA THR A 181 -28.77 2.27 29.84
C THR A 181 -28.16 0.88 29.85
N LEU A 182 -27.46 0.54 30.92
CA LEU A 182 -27.05 -0.84 31.13
C LEU A 182 -27.34 -1.24 32.56
N SER A 183 -27.17 -2.54 32.81
CA SER A 183 -27.38 -3.11 34.13
C SER A 183 -26.26 -4.10 34.39
N SER A 184 -25.99 -4.34 35.66
CA SER A 184 -25.01 -5.33 36.06
C SER A 184 -25.56 -6.06 37.27
N SER A 185 -25.48 -7.39 37.24
CA SER A 185 -25.88 -8.22 38.35
C SER A 185 -24.66 -8.90 38.94
N VAL A 186 -24.64 -9.01 40.27
CA VAL A 186 -23.64 -9.80 40.97
C VAL A 186 -24.39 -10.78 41.87
N THR A 187 -23.95 -12.03 41.87
CA THR A 187 -24.49 -13.06 42.74
C THR A 187 -23.45 -13.37 43.80
N VAL A 188 -23.82 -13.18 45.06
CA VAL A 188 -22.90 -13.41 46.18
C VAL A 188 -23.57 -14.36 47.15
N PRO A 189 -22.78 -15.09 47.95
CA PRO A 189 -23.37 -15.92 49.00
C PRO A 189 -24.23 -15.08 49.94
N SER A 190 -25.38 -15.65 50.34
CA SER A 190 -26.24 -14.95 51.29
C SER A 190 -25.55 -14.71 52.61
N SER A 191 -24.50 -15.48 52.93
CA SER A 191 -23.72 -15.26 54.13
C SER A 191 -22.86 -14.02 54.06
N THR A 192 -22.67 -13.44 52.88
CA THR A 192 -21.77 -12.31 52.70
C THR A 192 -22.49 -11.00 52.40
N TRP A 193 -23.82 -11.00 52.24
CA TRP A 193 -24.57 -9.77 52.07
C TRP A 193 -25.86 -9.94 52.88
N PRO A 194 -26.26 -8.93 53.65
CA PRO A 194 -25.65 -7.60 53.80
C PRO A 194 -24.54 -7.54 54.84
N SER A 195 -24.08 -8.69 55.36
CA SER A 195 -23.03 -8.68 56.38
C SER A 195 -21.79 -7.95 55.89
N GLU A 196 -21.27 -8.37 54.73
CA GLU A 196 -20.20 -7.64 54.06
C GLU A 196 -20.80 -6.74 52.99
N THR A 197 -20.14 -5.62 52.74
CA THR A 197 -20.66 -4.64 51.80
C THR A 197 -20.43 -5.08 50.36
N VAL A 198 -21.39 -4.73 49.51
CA VAL A 198 -21.29 -4.96 48.07
C VAL A 198 -21.49 -3.61 47.38
N THR A 199 -20.57 -3.26 46.48
CA THR A 199 -20.59 -1.93 45.89
C THR A 199 -20.36 -2.02 44.39
N CYS A 200 -21.28 -1.42 43.64
CA CYS A 200 -21.13 -1.27 42.20
C CYS A 200 -20.22 -0.08 41.91
N ASN A 201 -19.21 -0.31 41.07
CA ASN A 201 -18.27 0.74 40.66
C ASN A 201 -18.48 1.02 39.17
N VAL A 202 -18.99 2.20 38.86
CA VAL A 202 -19.29 2.62 37.50
C VAL A 202 -18.32 3.71 37.10
N ALA A 203 -17.63 3.52 35.98
CA ALA A 203 -16.74 4.51 35.41
C ALA A 203 -17.28 4.95 34.07
N HIS A 204 -17.32 6.27 33.85
CA HIS A 204 -17.74 6.85 32.58
C HIS A 204 -16.66 7.83 32.14
N PRO A 205 -15.67 7.37 31.37
CA PRO A 205 -14.54 8.25 31.04
C PRO A 205 -14.92 9.50 30.25
N ALA A 206 -15.92 9.41 29.38
CA ALA A 206 -16.26 10.54 28.53
C ALA A 206 -16.72 11.75 29.35
N SER A 207 -17.34 11.52 30.50
CA SER A 207 -17.71 12.60 31.41
C SER A 207 -16.76 12.69 32.60
N SER A 208 -15.71 11.87 32.63
CA SER A 208 -14.73 11.88 33.72
C SER A 208 -15.40 11.65 35.07
N THR A 209 -16.34 10.71 35.10
CA THR A 209 -17.16 10.45 36.27
C THR A 209 -16.98 9.01 36.71
N LYS A 210 -16.79 8.81 38.01
CA LYS A 210 -16.87 7.49 38.62
C LYS A 210 -17.93 7.54 39.72
N VAL A 211 -18.78 6.52 39.75
CA VAL A 211 -19.85 6.44 40.74
C VAL A 211 -19.74 5.09 41.44
N ASP A 212 -19.67 5.12 42.77
CA ASP A 212 -19.69 3.91 43.58
C ASP A 212 -21.01 3.87 44.32
N LYS A 213 -21.78 2.82 44.09
CA LYS A 213 -23.10 2.65 44.69
C LYS A 213 -23.07 1.42 45.59
N LYS A 214 -23.17 1.65 46.90
CA LYS A 214 -23.33 0.55 47.84
C LYS A 214 -24.76 0.04 47.79
N ILE A 215 -24.91 -1.29 47.71
CA ILE A 215 -26.21 -1.92 47.68
C ILE A 215 -26.60 -2.30 49.10
N VAL A 216 -27.65 -1.68 49.61
CA VAL A 216 -28.14 -1.96 50.97
C VAL A 216 -29.55 -2.51 50.85
N PRO A 217 -30.01 -3.28 51.83
CA PRO A 217 -31.35 -3.86 51.74
C PRO A 217 -32.44 -2.79 51.65
N ARG A 218 -33.48 -3.10 50.89
CA ARG A 218 -34.62 -2.20 50.78
C ARG A 218 -35.36 -2.10 52.11
N ASP A 219 -36.02 -0.96 52.31
CA ASP A 219 -36.47 -0.59 53.65
C ASP A 219 -37.57 -1.52 54.16
N CYS A 220 -38.60 -1.76 53.34
CA CYS A 220 -39.76 -2.56 53.74
C CYS A 220 -40.42 -1.99 54.99
N ASP B 1 -30.93 -8.21 -8.30
CA ASP B 1 -29.82 -8.38 -7.37
C ASP B 1 -29.70 -9.82 -6.90
N ILE B 2 -28.49 -10.36 -6.98
CA ILE B 2 -28.25 -11.74 -6.59
C ILE B 2 -28.29 -11.84 -5.06
N VAL B 3 -29.21 -12.64 -4.54
CA VAL B 3 -29.45 -12.77 -3.11
C VAL B 3 -28.78 -14.05 -2.61
N MET B 4 -28.16 -13.99 -1.43
CA MET B 4 -27.46 -15.12 -0.85
C MET B 4 -28.23 -15.58 0.40
N THR B 5 -28.92 -16.70 0.28
CA THR B 5 -29.69 -17.25 1.40
C THR B 5 -28.85 -18.28 2.13
N GLN B 6 -28.58 -18.03 3.41
CA GLN B 6 -27.70 -18.86 4.22
C GLN B 6 -28.49 -19.87 5.05
N SER B 7 -27.82 -20.96 5.43
CA SER B 7 -28.46 -22.14 6.01
C SER B 7 -29.18 -21.83 7.33
N HIS B 8 -28.44 -21.58 8.40
CA HIS B 8 -29.00 -21.40 9.72
C HIS B 8 -28.51 -20.10 10.33
N LYS B 9 -29.41 -19.37 10.98
CA LYS B 9 -29.00 -18.18 11.74
C LYS B 9 -28.06 -18.56 12.87
N PHE B 10 -28.41 -19.61 13.62
CA PHE B 10 -27.61 -20.09 14.73
C PHE B 10 -27.26 -21.56 14.49
N MET B 11 -26.05 -21.95 14.89
CA MET B 11 -25.63 -23.33 14.81
C MET B 11 -24.89 -23.70 16.08
N SER B 12 -25.39 -24.70 16.80
CA SER B 12 -24.77 -25.18 18.02
C SER B 12 -23.78 -26.29 17.69
N THR B 13 -22.59 -26.19 18.27
CA THR B 13 -21.53 -27.15 17.99
C THR B 13 -20.70 -27.35 19.25
N SER B 14 -19.74 -28.26 19.16
CA SER B 14 -18.73 -28.46 20.19
C SER B 14 -17.36 -28.21 19.59
N VAL B 15 -16.40 -27.84 20.45
CA VAL B 15 -15.03 -27.71 19.99
C VAL B 15 -14.54 -29.07 19.54
N GLY B 16 -13.92 -29.11 18.37
CA GLY B 16 -13.49 -30.36 17.78
C GLY B 16 -14.53 -31.07 16.93
N ASP B 17 -15.70 -30.47 16.75
CA ASP B 17 -16.74 -31.04 15.91
C ASP B 17 -16.63 -30.49 14.49
N ARG B 18 -17.29 -31.17 13.56
CA ARG B 18 -17.40 -30.71 12.19
C ARG B 18 -18.71 -29.97 12.00
N VAL B 19 -18.65 -28.79 11.38
CA VAL B 19 -19.85 -28.03 11.04
C VAL B 19 -19.72 -27.58 9.59
N SER B 20 -20.87 -27.55 8.92
CA SER B 20 -20.97 -27.06 7.55
C SER B 20 -22.10 -26.06 7.47
N ILE B 21 -21.83 -24.92 6.83
CA ILE B 21 -22.85 -23.92 6.51
C ILE B 21 -23.07 -23.96 5.00
N THR B 22 -24.32 -24.06 4.60
CA THR B 22 -24.67 -23.95 3.19
C THR B 22 -25.19 -22.55 2.89
N CYS B 23 -25.18 -22.22 1.61
CA CYS B 23 -25.61 -20.92 1.13
C CYS B 23 -26.16 -21.12 -0.26
N LYS B 24 -27.36 -20.61 -0.52
CA LYS B 24 -28.03 -20.75 -1.80
C LYS B 24 -28.07 -19.40 -2.49
N ALA B 25 -27.39 -19.27 -3.61
CA ALA B 25 -27.48 -18.07 -4.43
C ALA B 25 -28.79 -18.06 -5.21
N SER B 26 -29.40 -16.88 -5.33
CA SER B 26 -30.67 -16.77 -6.04
C SER B 26 -30.52 -16.92 -7.55
N GLN B 27 -29.30 -16.88 -8.07
CA GLN B 27 -29.05 -17.16 -9.48
C GLN B 27 -27.56 -17.51 -9.64
N ASP B 28 -27.23 -17.94 -10.85
CA ASP B 28 -25.88 -18.44 -11.13
C ASP B 28 -24.83 -17.37 -10.86
N VAL B 29 -23.92 -17.67 -9.94
CA VAL B 29 -22.77 -16.82 -9.67
C VAL B 29 -21.46 -17.55 -9.99
N SER B 30 -21.55 -18.65 -10.73
CA SER B 30 -20.40 -19.49 -11.03
C SER B 30 -19.64 -19.81 -9.76
N THR B 31 -18.39 -19.36 -9.67
CA THR B 31 -17.56 -19.60 -8.50
C THR B 31 -17.35 -18.35 -7.65
N ALA B 32 -18.07 -17.26 -7.94
CA ALA B 32 -17.76 -15.96 -7.34
C ALA B 32 -18.44 -15.80 -5.98
N VAL B 33 -18.09 -16.68 -5.05
CA VAL B 33 -18.66 -16.68 -3.71
C VAL B 33 -17.53 -16.57 -2.69
N GLY B 34 -17.71 -15.70 -1.70
CA GLY B 34 -16.77 -15.57 -0.61
C GLY B 34 -17.38 -15.97 0.71
N TRP B 35 -16.54 -16.36 1.66
CA TRP B 35 -16.97 -16.67 3.01
C TRP B 35 -16.17 -15.81 3.98
N TYR B 36 -16.88 -15.08 4.84
CA TYR B 36 -16.26 -14.13 5.74
C TYR B 36 -16.54 -14.56 7.18
N GLN B 37 -15.57 -14.32 8.04
CA GLN B 37 -15.70 -14.55 9.47
C GLN B 37 -15.69 -13.20 10.18
N GLN B 38 -16.59 -13.04 11.15
CA GLN B 38 -16.62 -11.81 11.94
C GLN B 38 -16.83 -12.17 13.40
N LYS B 39 -15.87 -11.85 14.19
CA LYS B 39 -15.83 -11.89 15.64
C LYS B 39 -16.37 -10.57 16.20
N PRO B 40 -16.98 -10.58 17.37
CA PRO B 40 -17.68 -9.38 17.86
C PRO B 40 -16.73 -8.19 18.00
N GLY B 41 -17.17 -7.05 17.47
CA GLY B 41 -16.40 -5.82 17.52
C GLY B 41 -15.30 -5.72 16.49
N GLN B 42 -15.07 -6.75 15.70
CA GLN B 42 -14.04 -6.76 14.68
C GLN B 42 -14.67 -6.64 13.29
N SER B 43 -13.83 -6.36 12.31
CA SER B 43 -14.29 -6.31 10.93
C SER B 43 -14.38 -7.73 10.37
N PRO B 44 -15.19 -7.94 9.34
CA PRO B 44 -15.19 -9.25 8.67
C PRO B 44 -13.82 -9.55 8.10
N LYS B 45 -13.45 -10.83 8.12
CA LYS B 45 -12.21 -11.31 7.54
C LYS B 45 -12.53 -12.32 6.46
N LEU B 46 -11.97 -12.13 5.27
CA LEU B 46 -12.18 -13.04 4.17
C LEU B 46 -11.48 -14.36 4.46
N LEU B 47 -12.25 -15.45 4.53
CA LEU B 47 -11.70 -16.78 4.73
C LEU B 47 -11.56 -17.54 3.42
N ILE B 48 -12.62 -17.55 2.61
CA ILE B 48 -12.66 -18.28 1.36
C ILE B 48 -13.10 -17.31 0.27
N TYR B 49 -12.38 -17.31 -0.84
CA TYR B 49 -12.77 -16.54 -2.01
C TYR B 49 -12.90 -17.48 -3.21
N SER B 50 -13.69 -17.03 -4.19
CA SER B 50 -13.99 -17.84 -5.37
C SER B 50 -14.42 -19.25 -4.99
N ALA B 51 -15.41 -19.32 -4.10
CA ALA B 51 -16.07 -20.56 -3.69
C ALA B 51 -15.18 -21.52 -2.91
N SER B 52 -14.00 -21.83 -3.43
CA SER B 52 -13.17 -22.90 -2.88
C SER B 52 -11.75 -22.50 -2.53
N TYR B 53 -11.30 -21.31 -2.89
CA TYR B 53 -9.89 -20.93 -2.71
C TYR B 53 -9.68 -20.40 -1.30
N ARG B 54 -8.87 -21.11 -0.52
CA ARG B 54 -8.50 -20.65 0.81
C ARG B 54 -7.69 -19.36 0.71
N TYR B 55 -8.04 -18.39 1.56
CA TYR B 55 -7.38 -17.11 1.57
C TYR B 55 -6.06 -17.20 2.34
N THR B 56 -5.17 -16.24 2.06
CA THR B 56 -3.81 -16.29 2.61
C THR B 56 -3.83 -16.36 4.12
N GLY B 57 -3.08 -17.31 4.68
CA GLY B 57 -2.98 -17.45 6.12
C GLY B 57 -4.18 -18.08 6.80
N VAL B 58 -5.16 -18.52 6.04
CA VAL B 58 -6.36 -19.12 6.63
C VAL B 58 -6.07 -20.58 6.97
N PRO B 59 -6.38 -21.02 8.19
CA PRO B 59 -6.16 -22.43 8.55
C PRO B 59 -6.87 -23.37 7.59
N ASP B 60 -6.31 -24.56 7.44
CA ASP B 60 -6.85 -25.54 6.49
C ASP B 60 -8.09 -26.24 7.00
N ARG B 61 -8.49 -25.99 8.26
CA ARG B 61 -9.78 -26.51 8.72
C ARG B 61 -10.95 -25.81 8.05
N PHE B 62 -10.71 -24.66 7.43
CA PHE B 62 -11.73 -23.92 6.68
C PHE B 62 -11.64 -24.30 5.22
N THR B 63 -12.76 -24.80 4.67
CA THR B 63 -12.83 -25.21 3.28
C THR B 63 -14.10 -24.66 2.65
N GLY B 64 -14.05 -24.49 1.35
CA GLY B 64 -15.21 -24.02 0.59
C GLY B 64 -15.45 -24.88 -0.63
N SER B 65 -16.72 -24.99 -1.00
CA SER B 65 -17.13 -25.85 -2.09
C SER B 65 -18.31 -25.25 -2.83
N GLY B 66 -18.53 -25.73 -4.04
CA GLY B 66 -19.73 -25.42 -4.78
C GLY B 66 -19.48 -24.47 -5.94
N SER B 67 -20.42 -24.48 -6.89
CA SER B 67 -20.42 -23.56 -8.01
C SER B 67 -21.86 -23.42 -8.49
N GLY B 68 -22.13 -22.33 -9.21
CA GLY B 68 -23.47 -22.06 -9.66
C GLY B 68 -24.31 -21.35 -8.63
N THR B 69 -25.13 -22.11 -7.89
CA THR B 69 -26.00 -21.52 -6.88
C THR B 69 -25.90 -22.17 -5.51
N ASP B 70 -25.26 -23.33 -5.38
CA ASP B 70 -25.19 -24.07 -4.13
C ASP B 70 -23.75 -24.08 -3.63
N PHE B 71 -23.56 -23.61 -2.41
CA PHE B 71 -22.22 -23.41 -1.87
C PHE B 71 -22.16 -23.90 -0.44
N THR B 72 -21.01 -24.47 -0.09
CA THR B 72 -20.79 -25.05 1.23
C THR B 72 -19.50 -24.50 1.82
N PHE B 73 -19.57 -24.09 3.08
CA PHE B 73 -18.42 -23.70 3.87
C PHE B 73 -18.32 -24.66 5.03
N THR B 74 -17.12 -25.19 5.27
CA THR B 74 -16.94 -26.26 6.25
C THR B 74 -15.78 -25.92 7.17
N ILE B 75 -16.00 -26.14 8.46
CA ILE B 75 -14.94 -26.18 9.46
C ILE B 75 -14.79 -27.64 9.85
N SER B 76 -13.68 -28.26 9.43
CA SER B 76 -13.49 -29.69 9.68
C SER B 76 -13.42 -30.01 11.17
N SER B 77 -12.83 -29.11 11.96
CA SER B 77 -12.75 -29.30 13.41
C SER B 77 -12.84 -27.91 14.04
N VAL B 78 -13.96 -27.62 14.70
CA VAL B 78 -14.21 -26.28 15.21
C VAL B 78 -13.30 -26.00 16.40
N GLN B 79 -12.62 -24.87 16.36
CA GLN B 79 -11.79 -24.39 17.45
C GLN B 79 -12.53 -23.30 18.21
N ALA B 80 -12.15 -23.09 19.46
CA ALA B 80 -12.83 -22.09 20.29
C ALA B 80 -12.74 -20.70 19.65
N GLU B 81 -11.62 -20.41 18.99
CA GLU B 81 -11.46 -19.13 18.30
C GLU B 81 -12.34 -19.02 17.06
N ASP B 82 -13.04 -20.08 16.68
CA ASP B 82 -13.92 -20.05 15.51
C ASP B 82 -15.35 -19.73 15.87
N LEU B 83 -15.67 -19.53 17.14
CA LEU B 83 -17.01 -19.12 17.56
C LEU B 83 -17.22 -17.67 17.12
N ALA B 84 -17.93 -17.50 16.02
CA ALA B 84 -18.13 -16.19 15.41
C ALA B 84 -19.29 -16.31 14.43
N VAL B 85 -19.53 -15.23 13.70
CA VAL B 85 -20.54 -15.18 12.66
C VAL B 85 -19.85 -15.41 11.32
N TYR B 86 -20.43 -16.26 10.48
CA TYR B 86 -19.91 -16.55 9.17
C TYR B 86 -20.92 -16.15 8.12
N TYR B 87 -20.48 -15.36 7.15
CA TYR B 87 -21.32 -14.89 6.06
C TYR B 87 -20.84 -15.50 4.76
N CYS B 88 -21.77 -15.97 3.95
CA CYS B 88 -21.45 -16.12 2.54
C CYS B 88 -21.67 -14.78 1.84
N GLN B 89 -21.02 -14.61 0.70
CA GLN B 89 -21.16 -13.38 -0.08
C GLN B 89 -20.87 -13.70 -1.52
N GLN B 90 -21.75 -13.28 -2.42
CA GLN B 90 -21.43 -13.31 -3.84
C GLN B 90 -20.59 -12.08 -4.17
N HIS B 91 -19.40 -12.30 -4.73
CA HIS B 91 -18.64 -11.19 -5.27
C HIS B 91 -18.61 -11.32 -6.79
N TYR B 92 -19.79 -11.51 -7.37
CA TYR B 92 -19.99 -11.64 -8.81
C TYR B 92 -20.42 -10.33 -9.45
N SER B 93 -21.42 -9.66 -8.88
CA SER B 93 -21.95 -8.42 -9.43
C SER B 93 -22.61 -7.64 -8.31
N PRO B 94 -22.55 -6.30 -8.34
CA PRO B 94 -23.17 -5.53 -7.28
C PRO B 94 -24.66 -5.84 -7.19
N PRO B 95 -25.26 -5.71 -6.00
CA PRO B 95 -24.71 -5.14 -4.76
C PRO B 95 -23.93 -6.08 -3.85
N PHE B 96 -23.32 -7.14 -4.36
CA PHE B 96 -22.43 -8.02 -3.59
C PHE B 96 -23.06 -8.43 -2.26
N THR B 97 -24.25 -9.03 -2.38
CA THR B 97 -25.05 -9.32 -1.21
C THR B 97 -24.33 -10.25 -0.26
N PHE B 98 -24.47 -9.99 1.04
CA PHE B 98 -23.99 -10.88 2.08
C PHE B 98 -25.15 -11.71 2.61
N GLY B 99 -24.87 -12.97 2.92
CA GLY B 99 -25.83 -13.77 3.66
C GLY B 99 -26.17 -13.13 4.99
N SER B 100 -27.29 -13.58 5.56
CA SER B 100 -27.72 -13.02 6.84
C SER B 100 -26.79 -13.41 7.99
N GLY B 101 -25.90 -14.37 7.78
CA GLY B 101 -24.95 -14.74 8.81
C GLY B 101 -25.36 -15.94 9.63
N THR B 102 -24.36 -16.75 10.01
CA THR B 102 -24.56 -17.92 10.84
C THR B 102 -23.66 -17.79 12.06
N GLU B 103 -24.26 -17.70 13.25
CA GLU B 103 -23.50 -17.62 14.49
C GLU B 103 -23.18 -19.03 14.96
N LEU B 104 -21.91 -19.27 15.26
CA LEU B 104 -21.50 -20.52 15.90
C LEU B 104 -21.58 -20.36 17.41
N GLU B 105 -22.17 -21.36 18.06
CA GLU B 105 -22.44 -21.34 19.49
C GLU B 105 -22.08 -22.69 20.06
N ILE B 106 -21.73 -22.71 21.34
CA ILE B 106 -21.39 -23.96 22.01
C ILE B 106 -22.68 -24.67 22.42
N LYS B 107 -22.78 -25.95 22.09
CA LYS B 107 -23.92 -26.76 22.48
C LYS B 107 -23.78 -27.19 23.94
N ARG B 108 -24.89 -27.14 24.67
CA ARG B 108 -24.93 -27.60 26.05
C ARG B 108 -26.37 -27.96 26.38
N ALA B 109 -26.56 -28.50 27.58
CA ALA B 109 -27.90 -28.89 28.01
C ALA B 109 -28.74 -27.65 28.29
N ASP B 110 -30.06 -27.84 28.23
CA ASP B 110 -30.97 -26.76 28.56
C ASP B 110 -30.80 -26.34 30.02
N ALA B 111 -31.11 -25.08 30.30
CA ALA B 111 -30.95 -24.54 31.64
C ALA B 111 -31.99 -23.47 31.87
N ALA B 112 -32.81 -23.65 32.90
CA ALA B 112 -33.77 -22.62 33.28
C ALA B 112 -33.02 -21.42 33.87
N PRO B 113 -33.53 -20.21 33.67
CA PRO B 113 -32.86 -19.03 34.22
C PRO B 113 -33.10 -18.89 35.72
N THR B 114 -32.14 -18.25 36.37
CA THR B 114 -32.31 -17.73 37.72
C THR B 114 -32.88 -16.32 37.58
N VAL B 115 -34.16 -16.16 37.90
CA VAL B 115 -34.87 -14.90 37.69
C VAL B 115 -34.87 -14.09 38.97
N SER B 116 -34.49 -12.82 38.86
CA SER B 116 -34.53 -11.87 39.96
C SER B 116 -35.22 -10.61 39.49
N ILE B 117 -36.10 -10.06 40.33
CA ILE B 117 -36.84 -8.84 40.01
C ILE B 117 -36.54 -7.79 41.07
N PHE B 118 -36.43 -6.53 40.64
CA PHE B 118 -36.03 -5.44 41.53
C PHE B 118 -36.98 -4.27 41.32
N PRO B 119 -37.62 -3.78 42.37
CA PRO B 119 -38.47 -2.59 42.23
C PRO B 119 -37.61 -1.36 42.00
N PRO B 120 -38.22 -0.24 41.59
CA PRO B 120 -37.46 1.01 41.50
C PRO B 120 -36.79 1.34 42.83
N SER B 121 -35.53 1.76 42.75
CA SER B 121 -34.86 2.28 43.92
C SER B 121 -35.53 3.58 44.37
N SER B 122 -35.48 3.84 45.67
CA SER B 122 -36.01 5.11 46.17
C SER B 122 -35.27 6.30 45.58
N GLU B 123 -33.99 6.11 45.25
CA GLU B 123 -33.23 7.17 44.60
C GLU B 123 -33.85 7.54 43.25
N GLN B 124 -34.16 6.53 42.43
CA GLN B 124 -34.72 6.82 41.11
C GLN B 124 -36.11 7.43 41.21
N LEU B 125 -36.91 6.99 42.19
CA LEU B 125 -38.22 7.57 42.38
C LEU B 125 -38.13 9.03 42.80
N THR B 126 -37.14 9.35 43.66
CA THR B 126 -36.88 10.74 44.01
C THR B 126 -36.59 11.58 42.77
N SER B 127 -35.91 10.98 41.79
CA SER B 127 -35.65 11.65 40.52
C SER B 127 -36.84 11.60 39.57
N GLY B 128 -37.95 10.99 39.97
CA GLY B 128 -39.16 11.01 39.15
C GLY B 128 -39.28 9.88 38.14
N GLY B 129 -38.31 8.97 38.08
CA GLY B 129 -38.38 7.83 37.20
C GLY B 129 -38.70 6.55 37.97
N ALA B 130 -38.95 5.49 37.21
CA ALA B 130 -39.24 4.20 37.81
C ALA B 130 -38.86 3.10 36.82
N SER B 131 -37.77 2.40 37.10
CA SER B 131 -37.36 1.25 36.32
C SER B 131 -37.50 0.00 37.17
N VAL B 132 -38.18 -1.01 36.63
CA VAL B 132 -38.22 -2.34 37.22
C VAL B 132 -37.31 -3.22 36.40
N VAL B 133 -36.40 -3.94 37.06
CA VAL B 133 -35.35 -4.70 36.39
C VAL B 133 -35.54 -6.18 36.68
N CYS B 134 -35.45 -7.01 35.63
CA CYS B 134 -35.54 -8.46 35.72
C CYS B 134 -34.24 -9.04 35.17
N PHE B 135 -33.55 -9.83 35.99
CA PHE B 135 -32.33 -10.52 35.58
C PHE B 135 -32.65 -11.99 35.35
N LEU B 136 -32.39 -12.44 34.12
CA LEU B 136 -32.55 -13.85 33.74
C LEU B 136 -31.14 -14.39 33.53
N ASN B 137 -30.60 -15.07 34.53
CA ASN B 137 -29.20 -15.43 34.54
C ASN B 137 -29.01 -16.92 34.31
N ASN B 138 -28.00 -17.25 33.50
CA ASN B 138 -27.47 -18.61 33.35
C ASN B 138 -28.54 -19.57 32.83
N PHE B 139 -29.06 -19.25 31.66
CA PHE B 139 -30.04 -20.08 30.98
C PHE B 139 -29.50 -20.53 29.63
N TYR B 140 -30.20 -21.50 29.02
CA TYR B 140 -29.85 -22.02 27.71
C TYR B 140 -31.08 -22.69 27.14
N PRO B 141 -31.36 -22.56 25.84
CA PRO B 141 -30.59 -21.82 24.81
C PRO B 141 -30.80 -20.31 24.87
N LYS B 142 -30.30 -19.57 23.87
CA LYS B 142 -30.36 -18.11 23.93
C LYS B 142 -31.79 -17.60 23.78
N ASP B 143 -32.58 -18.24 22.93
CA ASP B 143 -33.94 -17.78 22.62
C ASP B 143 -34.84 -18.02 23.84
N ILE B 144 -34.74 -17.11 24.80
CA ILE B 144 -35.68 -17.06 25.91
C ILE B 144 -36.66 -15.92 25.63
N ASN B 145 -37.88 -16.07 26.11
CA ASN B 145 -38.91 -15.05 25.97
C ASN B 145 -39.15 -14.41 27.32
N VAL B 146 -39.17 -13.08 27.34
CA VAL B 146 -39.39 -12.32 28.56
C VAL B 146 -40.65 -11.49 28.38
N LYS B 147 -41.55 -11.58 29.35
CA LYS B 147 -42.83 -10.90 29.31
C LYS B 147 -43.00 -10.13 30.61
N TRP B 148 -43.44 -8.87 30.50
CA TRP B 148 -43.74 -8.06 31.67
C TRP B 148 -45.25 -7.99 31.85
N LYS B 149 -45.70 -8.20 33.07
CA LYS B 149 -47.11 -8.08 33.41
C LYS B 149 -47.27 -7.11 34.56
N ILE B 150 -48.16 -6.15 34.39
CA ILE B 150 -48.55 -5.21 35.42
C ILE B 150 -50.00 -5.51 35.78
N ASP B 151 -50.24 -5.86 37.04
CA ASP B 151 -51.56 -6.19 37.56
C ASP B 151 -52.28 -7.17 36.63
N GLY B 152 -51.54 -8.20 36.21
CA GLY B 152 -52.05 -9.24 35.34
C GLY B 152 -52.05 -8.91 33.86
N SER B 153 -51.73 -7.68 33.48
CA SER B 153 -51.80 -7.23 32.09
C SER B 153 -50.41 -7.19 31.48
N GLU B 154 -50.26 -7.83 30.32
CA GLU B 154 -48.98 -7.82 29.63
C GLU B 154 -48.61 -6.39 29.24
N ARG B 155 -47.35 -6.02 29.50
CA ARG B 155 -46.86 -4.66 29.29
C ARG B 155 -45.80 -4.70 28.21
N GLN B 156 -46.11 -4.12 27.05
CA GLN B 156 -45.19 -4.10 25.93
C GLN B 156 -44.28 -2.88 25.92
N ASN B 157 -44.81 -1.70 26.24
CA ASN B 157 -44.07 -0.46 26.08
C ASN B 157 -43.20 -0.16 27.29
N GLY B 158 -42.04 0.44 27.03
CA GLY B 158 -41.09 0.76 28.07
C GLY B 158 -40.13 -0.35 28.43
N VAL B 159 -40.05 -1.40 27.63
CA VAL B 159 -39.23 -2.57 27.92
C VAL B 159 -37.95 -2.51 27.10
N LEU B 160 -36.81 -2.60 27.77
CA LEU B 160 -35.51 -2.72 27.14
C LEU B 160 -34.91 -4.07 27.52
N ASN B 161 -34.43 -4.82 26.53
CA ASN B 161 -33.83 -6.12 26.76
C ASN B 161 -32.37 -6.11 26.31
N SER B 162 -31.55 -6.89 26.99
CA SER B 162 -30.12 -6.92 26.71
C SER B 162 -29.59 -8.32 27.04
N TRP B 163 -29.01 -8.98 26.04
CA TRP B 163 -28.45 -10.31 26.20
C TRP B 163 -26.93 -10.23 26.33
N THR B 164 -26.37 -11.09 27.18
CA THR B 164 -24.92 -11.26 27.19
C THR B 164 -24.49 -12.19 26.07
N ASP B 165 -23.19 -12.16 25.78
CA ASP B 165 -22.64 -13.20 24.93
C ASP B 165 -22.62 -14.52 25.68
N GLN B 166 -22.38 -15.61 24.95
CA GLN B 166 -22.32 -16.92 25.58
C GLN B 166 -21.18 -16.97 26.59
N ASP B 167 -21.50 -17.40 27.80
CA ASP B 167 -20.48 -17.52 28.84
C ASP B 167 -19.43 -18.53 28.41
N SER B 168 -18.16 -18.13 28.46
CA SER B 168 -17.09 -19.01 28.01
C SER B 168 -16.78 -20.12 29.01
N LYS B 169 -17.38 -20.10 30.20
CA LYS B 169 -17.15 -21.13 31.20
C LYS B 169 -18.23 -22.21 31.22
N ASP B 170 -19.50 -21.82 31.33
CA ASP B 170 -20.59 -22.80 31.37
C ASP B 170 -21.48 -22.75 30.14
N SER B 171 -21.16 -21.94 29.14
CA SER B 171 -21.86 -21.87 27.86
C SER B 171 -23.31 -21.43 27.98
N THR B 172 -23.70 -20.84 29.12
CA THR B 172 -25.05 -20.32 29.27
C THR B 172 -25.14 -18.90 28.74
N TYR B 173 -26.35 -18.36 28.74
CA TYR B 173 -26.58 -16.96 28.46
C TYR B 173 -27.24 -16.31 29.66
N SER B 174 -27.10 -14.99 29.74
CA SER B 174 -27.83 -14.19 30.70
C SER B 174 -28.45 -13.01 29.94
N MET B 175 -29.55 -12.49 30.47
CA MET B 175 -30.17 -11.33 29.86
C MET B 175 -30.77 -10.47 30.95
N SER B 176 -30.94 -9.18 30.62
CA SER B 176 -31.52 -8.20 31.51
C SER B 176 -32.73 -7.58 30.83
N SER B 177 -33.84 -7.49 31.55
CA SER B 177 -35.05 -6.84 31.07
C SER B 177 -35.37 -5.69 32.02
N THR B 178 -35.46 -4.48 31.46
CA THR B 178 -35.82 -3.29 32.22
C THR B 178 -37.16 -2.77 31.72
N LEU B 179 -38.08 -2.54 32.66
CA LEU B 179 -39.35 -1.88 32.37
C LEU B 179 -39.32 -0.52 33.04
N THR B 180 -39.28 0.53 32.23
CA THR B 180 -39.20 1.90 32.72
C THR B 180 -40.55 2.59 32.58
N LEU B 181 -41.06 3.11 33.69
CA LEU B 181 -42.25 3.95 33.72
C LEU B 181 -41.88 5.29 34.35
N THR B 182 -42.80 6.24 34.25
CA THR B 182 -42.72 7.40 35.10
C THR B 182 -43.12 7.01 36.52
N LYS B 183 -42.61 7.77 37.50
CA LYS B 183 -43.01 7.52 38.88
C LYS B 183 -44.52 7.61 39.04
N ASP B 184 -45.14 8.58 38.37
CA ASP B 184 -46.59 8.75 38.46
C ASP B 184 -47.32 7.48 38.00
N GLU B 185 -46.91 6.92 36.87
CA GLU B 185 -47.55 5.70 36.39
C GLU B 185 -47.23 4.50 37.27
N TYR B 186 -46.01 4.46 37.83
CA TYR B 186 -45.61 3.33 38.65
C TYR B 186 -46.41 3.25 39.94
N GLU B 187 -46.72 4.39 40.54
CA GLU B 187 -47.45 4.42 41.80
C GLU B 187 -48.95 4.25 41.62
N ARG B 188 -49.40 3.91 40.41
CA ARG B 188 -50.82 3.68 40.15
C ARG B 188 -51.08 2.26 39.67
N HIS B 189 -50.13 1.37 39.95
CA HIS B 189 -50.30 -0.06 39.84
C HIS B 189 -49.78 -0.71 41.11
N ASN B 190 -50.22 -1.94 41.36
CA ASN B 190 -49.81 -2.67 42.55
C ASN B 190 -48.80 -3.77 42.24
N SER B 191 -49.15 -4.69 41.34
CA SER B 191 -48.36 -5.89 41.12
C SER B 191 -47.51 -5.75 39.86
N TYR B 192 -46.23 -6.08 39.98
CA TYR B 192 -45.29 -6.07 38.86
C TYR B 192 -44.64 -7.43 38.75
N THR B 193 -44.71 -8.04 37.56
CA THR B 193 -44.18 -9.37 37.34
C THR B 193 -43.41 -9.40 36.03
N CYS B 194 -42.29 -10.13 36.03
CA CYS B 194 -41.59 -10.50 34.81
C CYS B 194 -41.61 -12.02 34.70
N GLU B 195 -41.89 -12.51 33.49
CA GLU B 195 -42.03 -13.94 33.23
C GLU B 195 -40.97 -14.36 32.22
N ALA B 196 -40.20 -15.39 32.59
CA ALA B 196 -39.22 -16.01 31.70
C ALA B 196 -39.78 -17.33 31.22
N THR B 197 -39.97 -17.46 29.91
CA THR B 197 -40.59 -18.64 29.33
C THR B 197 -39.63 -19.30 28.36
N GLN B 198 -39.41 -20.60 28.54
CA GLN B 198 -38.68 -21.44 27.61
C GLN B 198 -39.66 -22.44 27.00
N GLY B 199 -39.13 -23.51 26.42
CA GLY B 199 -40.00 -24.49 25.77
C GLY B 199 -40.91 -25.20 26.74
N THR B 200 -40.36 -25.68 27.86
CA THR B 200 -41.09 -26.47 28.83
C THR B 200 -41.13 -25.86 30.23
N THR B 201 -40.39 -24.78 30.49
CA THR B 201 -40.36 -24.11 31.77
C THR B 201 -40.85 -22.68 31.62
N SER B 202 -41.51 -22.17 32.66
CA SER B 202 -41.89 -20.77 32.75
C SER B 202 -41.73 -20.32 34.19
N ILE B 203 -40.99 -19.24 34.40
CA ILE B 203 -40.68 -18.74 35.74
C ILE B 203 -41.18 -17.31 35.84
N VAL B 204 -42.03 -17.06 36.84
CA VAL B 204 -42.60 -15.74 37.10
C VAL B 204 -42.07 -15.24 38.43
N LYS B 205 -41.47 -14.04 38.42
CA LYS B 205 -41.07 -13.36 39.64
C LYS B 205 -41.94 -12.11 39.80
N SER B 206 -42.32 -11.81 41.04
CA SER B 206 -43.31 -10.79 41.32
C SER B 206 -42.86 -9.91 42.48
N PHE B 207 -43.49 -8.74 42.57
CA PHE B 207 -43.55 -7.98 43.80
C PHE B 207 -44.78 -7.09 43.75
N ASN B 208 -45.36 -6.85 44.92
CA ASN B 208 -46.51 -5.98 45.06
C ASN B 208 -46.04 -4.70 45.73
N ARG B 209 -46.32 -3.55 45.09
CA ARG B 209 -45.93 -2.27 45.67
C ARG B 209 -46.60 -2.05 47.02
N ASN B 210 -47.78 -2.63 47.22
CA ASN B 210 -48.46 -2.55 48.50
C ASN B 210 -47.73 -3.33 49.59
N GLU B 211 -46.85 -4.26 49.22
CA GLU B 211 -46.05 -5.02 50.17
C GLU B 211 -44.59 -4.61 50.14
N CYS B 212 -44.27 -3.50 49.47
CA CYS B 212 -42.90 -3.08 49.22
C CYS B 212 -42.11 -4.18 48.54
N ASN C 11 29.61 5.92 7.77
CA ASN C 11 30.62 6.96 7.63
C ASN C 11 31.84 6.66 8.48
N ASN C 12 31.62 6.15 9.68
CA ASN C 12 32.70 5.93 10.64
C ASN C 12 33.29 4.53 10.49
N GLY C 13 34.47 4.35 11.05
CA GLY C 13 35.19 3.09 10.97
C GLY C 13 36.27 3.10 9.92
N LEU C 14 36.76 1.91 9.61
CA LEU C 14 37.72 1.71 8.54
C LEU C 14 37.22 0.63 7.60
N MET C 15 37.69 0.67 6.35
CA MET C 15 37.32 -0.30 5.35
C MET C 15 38.32 -1.44 5.35
N GLY C 16 37.84 -2.66 5.60
CA GLY C 16 38.69 -3.84 5.59
C GLY C 16 38.70 -4.50 4.24
N TYR C 17 39.88 -4.85 3.77
CA TYR C 17 40.06 -5.60 2.53
C TYR C 17 40.68 -6.94 2.88
N TYR C 18 39.91 -8.00 2.71
CA TYR C 18 40.31 -9.34 3.11
C TYR C 18 40.60 -10.16 1.85
N PHE C 19 41.83 -10.63 1.73
CA PHE C 19 42.31 -11.31 0.52
C PHE C 19 42.55 -12.78 0.80
N THR C 20 42.10 -13.63 -0.14
CA THR C 20 42.35 -15.06 -0.01
C THR C 20 43.83 -15.38 -0.14
N ASP C 21 44.55 -14.65 -0.98
CA ASP C 21 45.96 -14.89 -1.19
C ASP C 21 46.80 -14.09 -0.19
N GLU C 22 48.10 -14.41 -0.15
CA GLU C 22 49.02 -13.77 0.78
C GLU C 22 49.50 -12.40 0.29
N HIS C 23 49.28 -12.07 -0.97
CA HIS C 23 49.89 -10.89 -1.59
C HIS C 23 48.88 -9.80 -1.95
N PHE C 24 47.73 -9.76 -1.26
CA PHE C 24 46.76 -8.68 -1.42
C PHE C 24 46.24 -8.56 -2.85
N LYS C 25 46.03 -9.68 -3.51
CA LYS C 25 45.59 -9.68 -4.91
C LYS C 25 44.14 -10.12 -5.11
N ASP C 26 43.69 -11.16 -4.42
CA ASP C 26 42.38 -11.77 -4.65
C ASP C 26 41.45 -11.38 -3.51
N LEU C 27 40.68 -10.31 -3.70
CA LEU C 27 39.80 -9.80 -2.66
C LEU C 27 38.63 -10.75 -2.43
N LYS C 28 38.56 -11.33 -1.24
CA LYS C 28 37.44 -12.19 -0.87
C LYS C 28 36.29 -11.41 -0.25
N LEU C 29 36.57 -10.37 0.52
CA LEU C 29 35.53 -9.65 1.24
C LEU C 29 36.01 -8.23 1.52
N MET C 30 35.15 -7.26 1.23
CA MET C 30 35.33 -5.88 1.66
C MET C 30 34.25 -5.57 2.68
N ALA C 31 34.67 -5.16 3.88
CA ALA C 31 33.71 -4.92 4.94
C ALA C 31 34.25 -3.86 5.88
N PRO C 32 33.40 -2.95 6.34
CA PRO C 32 33.85 -1.94 7.29
C PRO C 32 33.94 -2.50 8.71
N ILE C 33 34.90 -1.99 9.46
CA ILE C 33 35.06 -2.33 10.86
C ILE C 33 34.59 -1.14 11.69
N LYS C 34 34.23 -1.42 12.94
CA LYS C 34 33.66 -0.38 13.79
C LYS C 34 34.75 0.55 14.34
N ASP C 35 35.70 0.01 15.09
CA ASP C 35 36.70 0.83 15.78
C ASP C 35 38.05 0.12 15.68
N GLY C 36 38.97 0.52 16.56
CA GLY C 36 40.31 -0.04 16.55
C GLY C 36 40.38 -1.53 16.82
N ASN C 37 39.27 -2.14 17.27
CA ASN C 37 39.22 -3.58 17.39
C ASN C 37 39.26 -4.28 16.04
N LEU C 38 38.99 -3.55 14.96
CA LEU C 38 39.04 -4.07 13.60
C LEU C 38 38.16 -5.31 13.44
N LYS C 39 36.95 -5.22 13.99
CA LYS C 39 35.94 -6.27 13.84
C LYS C 39 34.79 -5.73 13.00
N PHE C 40 34.32 -6.53 12.04
CA PHE C 40 33.20 -6.17 11.21
C PHE C 40 31.91 -6.71 11.83
N GLU C 41 30.78 -6.45 11.17
CA GLU C 41 29.49 -6.99 11.61
C GLU C 41 29.41 -8.44 11.15
N GLU C 42 29.58 -9.37 12.10
CA GLU C 42 29.77 -10.77 11.73
C GLU C 42 28.48 -11.42 11.23
N LYS C 43 27.32 -10.98 11.73
CA LYS C 43 26.06 -11.56 11.27
C LYS C 43 25.82 -11.25 9.80
N LYS C 44 26.12 -10.02 9.37
CA LYS C 44 25.88 -9.65 7.98
C LYS C 44 26.90 -10.28 7.05
N VAL C 45 28.17 -10.33 7.48
CA VAL C 45 29.18 -11.02 6.68
C VAL C 45 28.87 -12.51 6.59
N ASP C 46 28.34 -13.09 7.68
CA ASP C 46 27.98 -14.50 7.68
C ASP C 46 26.97 -14.81 6.58
N LYS C 47 25.96 -13.94 6.41
CA LYS C 47 24.94 -14.16 5.39
C LYS C 47 25.50 -14.10 3.98
N LEU C 48 26.73 -13.60 3.80
CA LEU C 48 27.31 -13.47 2.47
C LEU C 48 28.56 -14.32 2.28
N LEU C 49 29.04 -15.01 3.30
CA LEU C 49 30.27 -15.79 3.19
C LEU C 49 30.03 -17.22 3.63
N ASP C 50 30.58 -18.15 2.85
CA ASP C 50 30.60 -19.57 3.18
C ASP C 50 31.84 -19.83 4.02
N LYS C 51 31.65 -20.27 5.26
CA LYS C 51 32.76 -20.42 6.19
C LYS C 51 33.75 -21.51 5.78
N ASP C 52 33.40 -22.35 4.81
CA ASP C 52 34.34 -23.29 4.24
C ASP C 52 35.16 -22.70 3.10
N LYS C 53 34.81 -21.50 2.65
CA LYS C 53 35.44 -20.83 1.52
C LYS C 53 35.88 -19.42 1.93
N SER C 54 36.18 -19.25 3.22
CA SER C 54 36.48 -17.94 3.79
C SER C 54 37.92 -17.78 4.24
N ASP C 55 38.84 -18.64 3.80
CA ASP C 55 40.22 -18.53 4.23
C ASP C 55 40.89 -17.30 3.62
N VAL C 56 41.61 -16.55 4.44
CA VAL C 56 42.27 -15.33 4.03
C VAL C 56 43.72 -15.37 4.50
N LYS C 57 44.62 -14.79 3.70
CA LYS C 57 46.04 -14.79 4.03
C LYS C 57 46.66 -13.40 4.07
N SER C 58 45.88 -12.35 3.81
CA SER C 58 46.35 -10.98 3.98
C SER C 58 45.16 -10.04 4.05
N ILE C 59 45.27 -9.03 4.89
CA ILE C 59 44.21 -8.05 5.11
C ILE C 59 44.79 -6.64 5.05
N ARG C 60 44.03 -5.70 4.50
CA ARG C 60 44.36 -4.29 4.59
C ARG C 60 43.15 -3.53 5.12
N TRP C 61 43.41 -2.58 6.01
CA TRP C 61 42.40 -1.63 6.48
C TRP C 61 42.83 -0.24 6.05
N THR C 62 41.91 0.52 5.47
CA THR C 62 42.17 1.89 5.05
C THR C 62 41.09 2.81 5.59
N GLY C 63 41.42 4.09 5.65
CA GLY C 63 40.46 5.08 6.13
C GLY C 63 41.14 6.37 6.51
N ARG C 64 40.48 7.12 7.39
CA ARG C 64 41.00 8.38 7.89
C ARG C 64 40.90 8.40 9.40
N ILE C 65 41.94 8.92 10.04
CA ILE C 65 41.91 9.22 11.46
C ILE C 65 41.69 10.72 11.59
N ILE C 66 40.65 11.11 12.32
CA ILE C 66 40.44 12.52 12.61
C ILE C 66 40.43 12.68 14.13
N PRO C 67 41.48 13.27 14.71
CA PRO C 67 41.53 13.43 16.16
C PRO C 67 40.63 14.55 16.65
N SER C 68 40.22 14.43 17.91
CA SER C 68 39.41 15.44 18.58
C SER C 68 40.26 16.36 19.44
N LYS C 69 41.58 16.34 19.26
CA LYS C 69 42.49 17.11 20.11
C LYS C 69 43.90 17.07 19.52
N ASP C 70 44.52 18.24 19.39
CA ASP C 70 45.89 18.30 18.91
C ASP C 70 46.82 17.58 19.87
N GLY C 71 47.84 16.93 19.33
CA GLY C 71 48.80 16.25 20.17
C GLY C 71 49.65 15.28 19.37
N GLU C 72 50.61 14.69 20.08
CA GLU C 72 51.52 13.71 19.51
C GLU C 72 50.94 12.33 19.77
N TYR C 73 50.34 11.73 18.74
CA TYR C 73 49.70 10.43 18.84
C TYR C 73 50.64 9.34 18.39
N THR C 74 50.80 8.32 19.23
CA THR C 74 51.56 7.12 18.88
C THR C 74 50.55 6.03 18.49
N LEU C 75 50.55 5.66 17.21
CA LEU C 75 49.69 4.61 16.72
C LEU C 75 50.43 3.28 16.75
N SER C 76 49.76 2.23 17.24
CA SER C 76 50.40 0.93 17.34
C SER C 76 49.34 -0.16 17.23
N THR C 77 49.82 -1.39 17.10
CA THR C 77 48.99 -2.57 16.91
C THR C 77 49.55 -3.68 17.79
N ASP C 78 48.66 -4.50 18.36
CA ASP C 78 49.09 -5.61 19.21
C ASP C 78 49.89 -6.66 18.45
N ARG C 79 49.90 -6.62 17.13
CA ARG C 79 50.67 -7.56 16.32
C ARG C 79 51.90 -6.85 15.76
N ASP C 80 53.08 -7.35 16.13
CA ASP C 80 54.32 -6.86 15.53
C ASP C 80 54.36 -7.14 14.02
N ASP C 81 53.54 -8.07 13.55
CA ASP C 81 53.48 -8.42 12.13
C ASP C 81 52.98 -7.26 11.28
N VAL C 82 52.14 -6.41 11.87
CA VAL C 82 51.35 -5.44 11.11
C VAL C 82 52.22 -4.27 10.68
N LEU C 83 51.94 -3.74 9.48
CA LEU C 83 52.63 -2.56 8.95
C LEU C 83 51.61 -1.46 8.69
N MET C 84 51.93 -0.25 9.16
CA MET C 84 51.04 0.90 9.08
C MET C 84 51.71 2.06 8.37
N GLN C 85 50.89 2.95 7.80
CA GLN C 85 51.38 4.22 7.28
C GLN C 85 50.29 5.26 7.40
N VAL C 86 50.72 6.51 7.62
CA VAL C 86 49.82 7.65 7.74
C VAL C 86 50.16 8.65 6.65
N ASN C 87 49.14 9.07 5.89
CA ASN C 87 49.24 10.12 4.87
C ASN C 87 50.12 9.72 3.69
N THR C 88 50.44 8.44 3.53
CA THR C 88 51.39 7.96 2.51
C THR C 88 52.72 8.69 2.59
N GLU C 89 53.01 9.32 3.74
CA GLU C 89 54.17 10.17 3.90
C GLU C 89 55.01 9.73 5.09
N SER C 90 54.36 9.14 6.10
CA SER C 90 55.07 8.67 7.27
C SER C 90 55.90 7.43 6.93
N THR C 91 56.73 7.01 7.89
CA THR C 91 57.41 5.73 7.74
C THR C 91 56.38 4.60 7.74
N ILE C 92 56.81 3.45 7.22
CA ILE C 92 55.99 2.25 7.22
C ILE C 92 56.50 1.36 8.34
N SER C 93 55.70 1.23 9.40
CA SER C 93 56.15 0.55 10.61
C SER C 93 54.94 -0.01 11.35
N ASN C 94 55.22 -0.91 12.29
CA ASN C 94 54.19 -1.41 13.20
C ASN C 94 53.83 -0.40 14.28
N THR C 95 54.64 0.65 14.42
CA THR C 95 54.38 1.71 15.38
C THR C 95 54.68 3.04 14.72
N LEU C 96 53.77 4.00 14.86
CA LEU C 96 53.91 5.30 14.22
C LEU C 96 53.68 6.40 15.24
N LYS C 97 54.52 7.43 15.19
CA LYS C 97 54.38 8.61 16.03
C LYS C 97 53.99 9.78 15.12
N VAL C 98 52.75 10.24 15.25
CA VAL C 98 52.18 11.25 14.37
C VAL C 98 51.74 12.43 15.21
N ASN C 99 52.14 13.63 14.78
CA ASN C 99 51.66 14.88 15.39
C ASN C 99 50.40 15.29 14.64
N MET C 100 49.26 15.22 15.32
CA MET C 100 47.96 15.45 14.71
C MET C 100 47.31 16.73 15.26
N LYS C 101 46.42 17.30 14.45
CA LYS C 101 45.71 18.51 14.79
C LYS C 101 44.20 18.26 14.71
N LYS C 102 43.45 18.94 15.58
CA LYS C 102 42.02 18.69 15.68
C LYS C 102 41.32 19.01 14.37
N GLY C 103 40.37 18.15 13.98
CA GLY C 103 39.65 18.32 12.74
C GLY C 103 40.43 18.02 11.49
N LYS C 104 41.75 17.91 11.57
CA LYS C 104 42.54 17.55 10.41
C LYS C 104 42.39 16.06 10.11
N GLU C 105 42.56 15.71 8.85
CA GLU C 105 42.37 14.34 8.37
C GLU C 105 43.73 13.71 8.10
N TYR C 106 43.92 12.50 8.62
CA TYR C 106 45.16 11.75 8.45
C TYR C 106 44.79 10.38 7.88
N LYS C 107 45.03 10.20 6.58
CA LYS C 107 44.77 8.93 5.94
C LYS C 107 45.66 7.85 6.54
N VAL C 108 45.09 6.67 6.77
CA VAL C 108 45.80 5.58 7.43
C VAL C 108 45.63 4.32 6.59
N ARG C 109 46.68 3.50 6.54
CA ARG C 109 46.69 2.27 5.78
C ARG C 109 47.36 1.20 6.65
N ILE C 110 46.59 0.22 7.09
CA ILE C 110 47.06 -0.84 7.95
C ILE C 110 47.06 -2.13 7.15
N GLU C 111 48.18 -2.84 7.16
CA GLU C 111 48.33 -4.05 6.36
C GLU C 111 48.85 -5.19 7.21
N LEU C 112 48.26 -6.36 7.00
CA LEU C 112 48.65 -7.58 7.72
C LEU C 112 48.77 -8.71 6.70
N GLN C 113 49.93 -9.36 6.68
CA GLN C 113 50.18 -10.50 5.80
C GLN C 113 50.47 -11.71 6.66
N ASP C 114 49.72 -12.80 6.43
CA ASP C 114 49.78 -13.94 7.33
C ASP C 114 49.15 -15.15 6.62
N LYS C 115 49.98 -16.04 6.09
CA LYS C 115 49.52 -17.38 5.85
C LYS C 115 49.19 -18.05 7.18
N ASN C 116 48.23 -18.97 7.15
CA ASN C 116 47.66 -19.56 8.36
C ASN C 116 46.93 -18.51 9.20
N LEU C 117 46.43 -17.47 8.55
CA LEU C 117 45.55 -16.52 9.24
C LEU C 117 44.19 -17.13 9.51
N GLY C 118 43.80 -18.13 8.74
CA GLY C 118 42.55 -18.83 8.98
C GLY C 118 41.40 -18.28 8.17
N SER C 119 40.22 -18.78 8.50
CA SER C 119 39.00 -18.32 7.86
C SER C 119 38.59 -16.96 8.44
N ILE C 120 37.62 -16.34 7.77
CA ILE C 120 37.13 -15.03 8.20
C ILE C 120 36.48 -15.14 9.58
N ASP C 121 35.79 -16.26 9.83
CA ASP C 121 35.12 -16.44 11.11
C ASP C 121 36.13 -16.58 12.25
N ASN C 122 37.06 -17.51 12.11
CA ASN C 122 38.09 -17.76 13.13
C ASN C 122 39.13 -16.65 13.21
N LEU C 123 38.95 -15.55 12.48
CA LEU C 123 39.99 -14.54 12.35
C LEU C 123 40.12 -13.73 13.63
N SER C 124 41.27 -13.86 14.30
CA SER C 124 41.66 -12.94 15.36
C SER C 124 42.35 -11.76 14.72
N SER C 125 41.57 -10.73 14.39
CA SER C 125 42.11 -9.56 13.74
C SER C 125 42.99 -8.78 14.71
N PRO C 126 43.97 -8.03 14.21
CA PRO C 126 44.77 -7.18 15.09
C PRO C 126 43.91 -6.09 15.72
N ASN C 127 44.49 -5.39 16.69
CA ASN C 127 43.82 -4.31 17.39
C ASN C 127 44.65 -3.03 17.27
N LEU C 128 43.97 -1.94 16.93
CA LEU C 128 44.62 -0.68 16.63
C LEU C 128 44.46 0.27 17.81
N TYR C 129 45.59 0.69 18.39
CA TYR C 129 45.59 1.58 19.53
C TYR C 129 46.22 2.92 19.16
N TRP C 130 46.00 3.91 20.03
CA TRP C 130 46.73 5.16 19.96
C TRP C 130 46.93 5.70 21.37
N GLU C 131 48.08 6.35 21.59
CA GLU C 131 48.45 6.89 22.89
C GLU C 131 48.68 8.38 22.77
N LEU C 132 47.94 9.16 23.55
CA LEU C 132 48.15 10.60 23.68
C LEU C 132 48.39 10.90 25.16
N ASP C 133 49.52 11.52 25.46
CA ASP C 133 49.94 11.78 26.84
C ASP C 133 49.96 10.48 27.66
N GLY C 134 50.59 9.47 27.09
CA GLY C 134 50.77 8.19 27.76
C GLY C 134 49.51 7.39 28.02
N MET C 135 48.40 7.80 27.40
CA MET C 135 47.11 7.14 27.59
C MET C 135 46.82 6.27 26.37
N LYS C 136 46.97 4.96 26.51
CA LYS C 136 46.78 4.02 25.42
C LYS C 136 45.36 3.46 25.42
N LYS C 137 44.67 3.60 24.30
CA LYS C 137 43.32 3.06 24.16
C LYS C 137 43.10 2.61 22.73
N ILE C 138 42.14 1.69 22.57
CA ILE C 138 41.65 1.37 21.23
C ILE C 138 41.10 2.63 20.59
N ILE C 139 41.46 2.86 19.34
CA ILE C 139 41.01 4.07 18.65
C ILE C 139 39.50 4.02 18.49
N PRO C 140 38.76 4.97 19.06
CA PRO C 140 37.30 4.89 19.03
C PRO C 140 36.74 5.08 17.63
N GLU C 141 35.48 4.64 17.46
CA GLU C 141 34.81 4.76 16.18
C GLU C 141 34.67 6.22 15.76
N GLU C 142 34.45 7.11 16.74
CA GLU C 142 34.22 8.53 16.45
C GLU C 142 35.43 9.20 15.82
N ASN C 143 36.61 8.60 15.92
CA ASN C 143 37.83 9.16 15.34
C ASN C 143 38.25 8.44 14.06
N LEU C 144 37.57 7.37 13.68
CA LEU C 144 37.89 6.61 12.48
C LEU C 144 36.82 6.88 11.44
N PHE C 145 37.25 7.16 10.22
CA PHE C 145 36.35 7.47 9.12
C PHE C 145 36.79 6.69 7.89
N LEU C 146 35.82 6.29 7.08
CA LEU C 146 36.13 5.69 5.80
C LEU C 146 36.76 6.74 4.88
N ARG C 147 37.42 6.26 3.85
CA ARG C 147 37.97 7.15 2.85
C ARG C 147 36.85 7.80 2.05
N ASP C 148 37.11 9.00 1.56
CA ASP C 148 36.23 9.62 0.58
C ASP C 148 36.39 8.85 -0.73
N TYR C 149 35.48 7.91 -0.99
CA TYR C 149 35.59 7.09 -2.18
C TYR C 149 35.15 7.80 -3.45
N SER C 150 34.60 9.01 -3.32
CA SER C 150 34.39 9.88 -4.46
C SER C 150 35.65 10.63 -4.86
N ASN C 151 36.68 10.62 -4.02
CA ASN C 151 37.94 11.31 -4.31
C ASN C 151 38.93 10.28 -4.83
N ILE C 152 38.97 10.15 -6.16
CA ILE C 152 39.86 9.19 -6.82
C ILE C 152 41.24 9.82 -6.96
N GLU C 153 42.20 9.34 -6.16
CA GLU C 153 43.55 9.88 -6.12
C GLU C 153 44.48 8.89 -6.82
N LYS C 154 45.08 9.34 -7.93
CA LYS C 154 45.98 8.46 -8.68
C LYS C 154 47.20 8.07 -7.85
N ASP C 155 47.64 8.94 -6.94
CA ASP C 155 48.78 8.66 -6.09
C ASP C 155 48.40 7.99 -4.78
N ASP C 156 47.13 7.65 -4.59
CA ASP C 156 46.68 6.91 -3.40
C ASP C 156 45.47 6.06 -3.78
N PRO C 157 45.68 5.02 -4.59
CA PRO C 157 44.56 4.22 -5.05
C PRO C 157 43.91 3.44 -3.92
N PHE C 158 42.59 3.25 -4.04
CA PHE C 158 41.83 2.57 -2.99
C PHE C 158 42.29 1.13 -2.84
N ILE C 159 42.52 0.43 -3.95
CA ILE C 159 43.01 -0.95 -3.91
C ILE C 159 44.36 -0.99 -4.61
N PRO C 160 45.45 -0.65 -3.93
CA PRO C 160 46.75 -0.55 -4.61
C PRO C 160 47.23 -1.91 -5.10
N ASN C 161 48.00 -1.87 -6.20
CA ASN C 161 48.58 -3.07 -6.78
C ASN C 161 49.84 -3.53 -6.05
N ASN C 162 50.29 -2.79 -5.06
CA ASN C 162 51.47 -3.16 -4.28
C ASN C 162 51.14 -3.04 -2.80
N ASN C 163 51.99 -3.64 -1.97
CA ASN C 163 51.74 -3.71 -0.55
C ASN C 163 53.02 -3.43 0.22
N PHE C 164 52.88 -3.36 1.55
CA PHE C 164 53.99 -3.01 2.43
C PHE C 164 54.97 -4.16 2.65
N PHE C 165 54.64 -5.38 2.23
CA PHE C 165 55.41 -6.56 2.58
C PHE C 165 56.21 -7.16 1.43
N ASP C 166 55.68 -7.13 0.22
CA ASP C 166 56.36 -7.82 -0.88
C ASP C 166 57.17 -6.85 -1.72
N PRO C 167 58.36 -7.26 -2.16
CA PRO C 167 59.16 -6.40 -3.05
C PRO C 167 58.49 -6.28 -4.41
N LYS C 168 58.63 -5.10 -5.01
CA LYS C 168 58.07 -4.84 -6.35
C LYS C 168 58.99 -5.51 -7.37
N LEU C 169 58.61 -6.69 -7.83
CA LEU C 169 59.46 -7.47 -8.72
C LEU C 169 59.47 -6.84 -10.12
N MET C 170 60.61 -7.02 -10.80
CA MET C 170 60.75 -6.48 -12.16
C MET C 170 59.85 -7.22 -13.14
N SER C 171 59.88 -8.55 -13.09
CA SER C 171 59.04 -9.34 -14.00
C SER C 171 57.56 -9.13 -13.71
N ASP C 172 57.20 -8.83 -12.47
CA ASP C 172 55.82 -8.55 -12.11
C ASP C 172 55.25 -7.34 -12.85
N TRP C 173 56.10 -6.55 -13.51
CA TRP C 173 55.60 -5.53 -14.41
C TRP C 173 54.79 -6.18 -15.53
N GLU C 174 53.91 -5.38 -16.13
CA GLU C 174 53.01 -5.77 -17.23
C GLU C 174 51.86 -6.63 -16.74
N ASP C 175 51.70 -6.80 -15.42
CA ASP C 175 50.56 -7.54 -14.89
C ASP C 175 49.33 -6.64 -14.82
N GLU C 176 48.17 -7.25 -14.60
CA GLU C 176 46.91 -6.53 -14.58
C GLU C 176 46.72 -5.81 -13.26
N ASP C 177 46.15 -4.61 -13.32
CA ASP C 177 45.75 -3.91 -12.10
C ASP C 177 44.60 -4.65 -11.44
N LEU C 178 44.51 -4.50 -10.13
CA LEU C 178 43.37 -5.05 -9.40
C LEU C 178 42.13 -4.19 -9.59
N ASP C 179 42.32 -2.86 -9.64
CA ASP C 179 41.24 -1.88 -9.76
C ASP C 179 41.71 -0.84 -10.78
N THR C 180 41.58 -1.19 -12.07
CA THR C 180 42.16 -0.38 -13.13
C THR C 180 41.68 1.06 -13.09
N ASP C 181 40.39 1.27 -12.83
CA ASP C 181 39.83 2.61 -12.80
C ASP C 181 39.81 3.25 -11.42
N ASN C 182 40.32 2.57 -10.40
CA ASN C 182 40.51 3.16 -9.07
C ASN C 182 39.20 3.64 -8.48
N ASP C 183 38.12 2.88 -8.71
CA ASP C 183 36.82 3.23 -8.16
C ASP C 183 36.48 2.45 -6.89
N ASN C 184 37.39 1.57 -6.45
CA ASN C 184 37.32 0.76 -5.23
C ASN C 184 36.53 -0.53 -5.42
N ILE C 185 36.27 -0.92 -6.66
CA ILE C 185 35.72 -2.24 -6.93
C ILE C 185 36.72 -2.98 -7.81
N PRO C 186 37.22 -4.15 -7.39
CA PRO C 186 38.21 -4.87 -8.19
C PRO C 186 37.66 -5.21 -9.57
N ASP C 187 38.57 -5.32 -10.54
CA ASP C 187 38.16 -5.63 -11.90
C ASP C 187 37.47 -6.99 -11.98
N SER C 188 37.97 -7.97 -11.23
CA SER C 188 37.31 -9.26 -11.20
C SER C 188 35.88 -9.15 -10.67
N TYR C 189 35.67 -8.29 -9.66
CA TYR C 189 34.33 -8.05 -9.16
C TYR C 189 33.44 -7.46 -10.25
N GLU C 190 33.91 -6.41 -10.92
CA GLU C 190 33.07 -5.70 -11.89
C GLU C 190 32.72 -6.58 -13.08
N ARG C 191 33.70 -7.32 -13.61
CA ARG C 191 33.46 -8.10 -14.82
C ARG C 191 32.54 -9.29 -14.55
N ASN C 192 32.69 -9.94 -13.39
CA ASN C 192 31.97 -11.19 -13.14
C ASN C 192 30.76 -11.02 -12.22
N GLY C 193 30.67 -9.93 -11.48
CA GLY C 193 29.49 -9.71 -10.67
C GLY C 193 29.83 -9.64 -9.19
N TYR C 194 29.19 -8.70 -8.51
CA TYR C 194 29.41 -8.50 -7.08
C TYR C 194 28.11 -7.99 -6.47
N THR C 195 28.15 -7.78 -5.15
CA THR C 195 27.03 -7.17 -4.45
C THR C 195 27.59 -6.39 -3.26
N ILE C 196 26.88 -5.33 -2.90
CA ILE C 196 27.25 -4.50 -1.75
C ILE C 196 26.00 -4.25 -0.92
N LYS C 197 26.04 -4.66 0.34
CA LYS C 197 24.94 -4.44 1.28
C LYS C 197 25.56 -4.17 2.64
N ASP C 198 25.16 -3.05 3.25
CA ASP C 198 25.76 -2.58 4.50
C ASP C 198 27.27 -2.41 4.34
N LEU C 199 27.68 -1.85 3.21
CA LEU C 199 29.06 -1.58 2.85
C LEU C 199 29.92 -2.85 2.80
N ILE C 200 29.30 -4.02 2.80
CA ILE C 200 30.00 -5.30 2.66
C ILE C 200 29.97 -5.70 1.19
N ALA C 201 31.15 -5.92 0.61
CA ALA C 201 31.27 -6.26 -0.79
C ALA C 201 31.91 -7.64 -0.95
N VAL C 202 31.41 -8.40 -1.92
CA VAL C 202 31.88 -9.76 -2.16
C VAL C 202 31.53 -10.13 -3.58
N LYS C 203 32.29 -11.06 -4.16
CA LYS C 203 31.93 -11.62 -5.47
C LYS C 203 30.53 -12.22 -5.41
N TRP C 204 29.86 -12.22 -6.55
CA TRP C 204 28.48 -12.65 -6.60
C TRP C 204 28.37 -14.17 -6.57
N GLU C 205 27.37 -14.66 -5.84
CA GLU C 205 26.94 -16.05 -5.89
C GLU C 205 25.44 -16.07 -6.16
N ASP C 206 25.01 -17.01 -7.00
CA ASP C 206 23.62 -17.04 -7.43
C ASP C 206 22.66 -17.30 -6.28
N SER C 207 23.13 -17.91 -5.18
CA SER C 207 22.27 -18.10 -4.02
C SER C 207 21.96 -16.79 -3.31
N PHE C 208 22.75 -15.74 -3.57
CA PHE C 208 22.46 -14.44 -2.95
C PHE C 208 21.15 -13.87 -3.44
N ALA C 209 20.73 -14.22 -4.65
CA ALA C 209 19.47 -13.72 -5.18
C ALA C 209 18.28 -14.18 -4.34
N GLU C 210 18.32 -15.45 -3.91
CA GLU C 210 17.26 -15.96 -3.04
C GLU C 210 17.14 -15.14 -1.76
N GLN C 211 18.27 -14.71 -1.19
CA GLN C 211 18.28 -13.90 0.01
C GLN C 211 17.92 -12.45 -0.23
N GLY C 212 17.80 -12.02 -1.48
CA GLY C 212 17.40 -10.66 -1.80
C GLY C 212 18.52 -9.72 -2.15
N TYR C 213 19.78 -10.17 -2.15
CA TYR C 213 20.88 -9.32 -2.58
C TYR C 213 20.79 -9.06 -4.08
N LYS C 214 21.22 -7.87 -4.47
CA LYS C 214 21.17 -7.45 -5.87
C LYS C 214 22.54 -7.67 -6.52
N LYS C 215 22.55 -8.29 -7.69
CA LYS C 215 23.79 -8.58 -8.41
C LYS C 215 24.22 -7.35 -9.19
N TYR C 216 25.37 -6.79 -8.83
CA TYR C 216 25.91 -5.62 -9.50
C TYR C 216 26.99 -6.02 -10.49
N VAL C 217 26.93 -5.43 -11.68
CA VAL C 217 28.02 -5.47 -12.64
C VAL C 217 28.27 -4.02 -13.07
N SER C 218 29.52 -3.74 -13.44
CA SER C 218 29.88 -2.40 -13.87
C SER C 218 31.14 -2.49 -14.72
N ASN C 219 31.52 -1.36 -15.30
CA ASN C 219 32.65 -1.28 -16.20
C ASN C 219 33.95 -1.18 -15.39
N TYR C 220 34.80 -2.19 -15.51
CA TYR C 220 36.07 -2.17 -14.78
C TYR C 220 37.01 -1.08 -15.26
N LEU C 221 36.74 -0.48 -16.42
CA LEU C 221 37.55 0.61 -16.95
C LEU C 221 36.94 1.99 -16.71
N GLU C 222 35.73 2.07 -16.18
CA GLU C 222 35.04 3.32 -15.94
C GLU C 222 34.69 3.43 -14.47
N SER C 223 35.25 4.44 -13.80
CA SER C 223 34.92 4.67 -12.40
C SER C 223 33.45 5.07 -12.25
N ASN C 224 32.87 5.70 -13.27
CA ASN C 224 31.48 6.13 -13.28
C ASN C 224 30.81 5.48 -14.50
N THR C 225 30.46 4.19 -14.36
CA THR C 225 29.94 3.44 -15.50
C THR C 225 28.71 4.11 -16.11
N ALA C 226 27.79 4.58 -15.27
CA ALA C 226 26.58 5.24 -15.76
C ALA C 226 26.86 6.61 -16.35
N GLY C 227 28.04 7.19 -16.10
CA GLY C 227 28.33 8.53 -16.55
C GLY C 227 27.73 9.63 -15.71
N ASP C 228 27.32 9.31 -14.49
CA ASP C 228 26.72 10.26 -13.56
C ASP C 228 27.77 10.70 -12.52
N PRO C 229 27.45 11.71 -11.70
CA PRO C 229 28.46 12.25 -10.78
C PRO C 229 29.05 11.24 -9.80
N TYR C 230 28.43 10.08 -9.63
CA TYR C 230 28.81 9.15 -8.58
C TYR C 230 29.50 7.93 -9.16
N THR C 231 30.54 7.45 -8.46
CA THR C 231 31.30 6.31 -8.94
C THR C 231 30.50 5.02 -8.77
N ASP C 232 30.99 3.96 -9.41
CA ASP C 232 30.38 2.64 -9.28
C ASP C 232 30.29 2.23 -7.82
N TYR C 233 31.29 2.60 -7.01
CA TYR C 233 31.26 2.21 -5.60
C TYR C 233 30.33 3.11 -4.79
N GLU C 234 30.39 4.43 -5.01
CA GLU C 234 29.44 5.32 -4.35
C GLU C 234 28.01 4.83 -4.55
N LYS C 235 27.68 4.42 -5.78
CA LYS C 235 26.33 3.97 -6.07
C LYS C 235 26.05 2.62 -5.42
N ALA C 236 26.84 1.60 -5.77
CA ALA C 236 26.59 0.25 -5.28
C ALA C 236 26.52 0.20 -3.76
N SER C 237 27.37 0.97 -3.08
CA SER C 237 27.37 1.01 -1.62
C SER C 237 26.28 1.89 -1.05
N GLY C 238 25.61 2.70 -1.87
CA GLY C 238 24.61 3.61 -1.37
C GLY C 238 25.18 4.81 -0.62
N SER C 239 26.47 5.10 -0.80
CA SER C 239 27.12 6.19 -0.10
C SER C 239 26.75 7.56 -0.65
N PHE C 240 25.89 7.63 -1.67
CA PHE C 240 25.54 8.92 -2.23
C PHE C 240 24.40 9.58 -1.45
N ASP C 241 23.93 10.71 -1.97
CA ASP C 241 22.83 11.46 -1.36
C ASP C 241 21.61 10.57 -1.16
N LYS C 242 21.10 10.54 0.08
CA LYS C 242 19.99 9.65 0.42
C LYS C 242 18.68 10.07 -0.23
N ALA C 243 18.63 11.26 -0.86
CA ALA C 243 17.46 11.64 -1.62
C ALA C 243 17.44 11.04 -3.01
N ILE C 244 18.54 10.39 -3.42
CA ILE C 244 18.55 9.65 -4.68
C ILE C 244 17.78 8.35 -4.51
N LYS C 245 16.99 8.00 -5.51
CA LYS C 245 16.21 6.76 -5.44
C LYS C 245 17.13 5.56 -5.33
N THR C 246 16.68 4.56 -4.59
CA THR C 246 17.54 3.43 -4.26
C THR C 246 17.88 2.57 -5.47
N GLU C 247 17.10 2.63 -6.54
CA GLU C 247 17.43 1.87 -7.73
C GLU C 247 18.66 2.42 -8.44
N ALA C 248 19.02 3.67 -8.19
CA ALA C 248 20.24 4.25 -8.72
C ALA C 248 21.49 3.80 -7.96
N ARG C 249 21.33 2.91 -6.98
CA ARG C 249 22.50 2.27 -6.38
C ARG C 249 23.15 1.30 -7.35
N ASP C 250 22.38 0.75 -8.28
CA ASP C 250 22.97 -0.11 -9.31
C ASP C 250 23.88 0.72 -10.19
N PRO C 251 25.13 0.29 -10.39
CA PRO C 251 26.07 1.09 -11.20
C PRO C 251 25.60 1.36 -12.62
N LEU C 252 24.69 0.53 -13.15
CA LEU C 252 24.19 0.70 -14.51
C LEU C 252 22.89 1.50 -14.58
N VAL C 253 22.39 1.98 -13.45
CA VAL C 253 21.20 2.81 -13.39
C VAL C 253 21.64 4.21 -12.96
N ALA C 254 21.56 5.16 -13.89
CA ALA C 254 22.12 6.47 -13.67
C ALA C 254 21.31 7.27 -12.65
N ALA C 255 22.02 8.01 -11.81
CA ALA C 255 21.41 9.10 -11.06
C ALA C 255 21.12 10.24 -12.03
N TYR C 256 19.85 10.54 -12.22
CA TYR C 256 19.43 11.32 -13.37
C TYR C 256 18.11 12.00 -13.08
N PRO C 257 18.11 13.29 -12.75
CA PRO C 257 16.85 14.00 -12.49
C PRO C 257 16.12 14.27 -13.79
N ILE C 258 14.80 14.12 -13.76
CA ILE C 258 13.94 14.31 -14.93
C ILE C 258 12.78 15.19 -14.47
N VAL C 259 12.95 16.49 -14.61
CA VAL C 259 11.98 17.47 -14.13
C VAL C 259 11.07 17.85 -15.28
N GLY C 260 9.76 17.74 -15.05
CA GLY C 260 8.77 18.20 -16.00
C GLY C 260 7.70 18.99 -15.29
N VAL C 261 6.64 19.38 -16.00
CA VAL C 261 5.53 20.08 -15.38
C VAL C 261 4.26 19.68 -16.10
N GLY C 262 3.18 19.52 -15.34
CA GLY C 262 1.89 19.22 -15.91
C GLY C 262 0.86 20.24 -15.45
N MET C 263 -0.19 20.38 -16.26
CA MET C 263 -1.26 21.33 -16.02
C MET C 263 -2.47 20.61 -15.42
N GLU C 264 -3.08 21.21 -14.40
CA GLU C 264 -4.33 20.70 -13.87
C GLU C 264 -5.46 21.72 -13.84
N LYS C 265 -5.23 22.94 -14.33
CA LYS C 265 -6.32 23.88 -14.55
C LYS C 265 -5.89 24.88 -15.61
N LEU C 266 -6.77 25.12 -16.57
CA LEU C 266 -6.53 26.09 -17.64
C LEU C 266 -7.54 27.23 -17.49
N ILE C 267 -7.02 28.44 -17.35
CA ILE C 267 -7.84 29.64 -17.21
C ILE C 267 -7.55 30.55 -18.39
N ILE C 268 -8.60 30.91 -19.13
CA ILE C 268 -8.48 31.79 -20.28
C ILE C 268 -9.39 33.00 -20.05
N SER C 269 -8.80 34.19 -20.05
CA SER C 269 -9.55 35.42 -19.83
C SER C 269 -9.28 36.40 -20.96
N THR C 270 -10.18 37.38 -21.08
CA THR C 270 -10.01 38.45 -22.05
C THR C 270 -9.05 39.52 -21.58
N ASN C 271 -8.62 39.45 -20.32
CA ASN C 271 -7.76 40.46 -19.72
C ASN C 271 -6.38 39.87 -19.50
N GLU C 272 -5.34 40.60 -19.95
CA GLU C 272 -3.97 40.10 -19.90
C GLU C 272 -3.36 40.20 -18.51
N HIS C 273 -3.90 41.06 -17.66
CA HIS C 273 -3.28 41.35 -16.36
C HIS C 273 -3.67 40.28 -15.35
N ALA C 274 -2.68 39.68 -14.70
CA ALA C 274 -2.95 38.71 -13.66
C ALA C 274 -3.67 39.33 -12.47
N SER C 275 -3.36 40.58 -12.17
CA SER C 275 -3.93 41.28 -11.01
C SER C 275 -5.16 42.10 -11.37
N THR C 276 -6.07 41.55 -12.15
CA THR C 276 -7.23 42.31 -12.60
C THR C 276 -8.47 41.43 -12.56
N ASP C 277 -9.50 41.92 -11.88
CA ASP C 277 -10.76 41.19 -11.70
C ASP C 277 -11.82 41.60 -12.71
N GLN C 278 -11.44 42.29 -13.80
CA GLN C 278 -12.38 42.68 -14.83
C GLN C 278 -12.11 41.88 -16.10
N GLY C 279 -13.16 41.69 -16.89
CA GLY C 279 -13.08 40.94 -18.12
C GLY C 279 -13.76 39.57 -17.99
N LYS C 280 -14.05 38.99 -19.15
CA LYS C 280 -14.65 37.66 -19.19
C LYS C 280 -13.56 36.60 -19.00
N THR C 281 -13.91 35.54 -18.29
CA THR C 281 -12.97 34.48 -17.95
C THR C 281 -13.69 33.14 -17.99
N VAL C 282 -13.02 32.14 -18.55
CA VAL C 282 -13.51 30.76 -18.55
C VAL C 282 -12.36 29.86 -18.10
N SER C 283 -12.62 29.05 -17.07
CA SER C 283 -11.63 28.14 -16.53
C SER C 283 -12.20 26.73 -16.50
N ARG C 284 -11.35 25.76 -16.82
CA ARG C 284 -11.75 24.36 -16.82
C ARG C 284 -10.65 23.53 -16.16
N ALA C 285 -11.06 22.55 -15.37
CA ALA C 285 -10.11 21.59 -14.84
C ALA C 285 -9.51 20.78 -16.00
N THR C 286 -8.28 20.33 -15.79
CA THR C 286 -7.59 19.52 -16.79
C THR C 286 -6.88 18.37 -16.11
N THR C 287 -6.89 17.22 -16.75
CA THR C 287 -5.97 16.13 -16.41
C THR C 287 -4.78 16.19 -17.34
N ASN C 288 -3.70 15.53 -16.94
CA ASN C 288 -2.47 15.55 -17.72
C ASN C 288 -1.86 14.17 -17.76
N SER C 289 -1.00 13.96 -18.75
CA SER C 289 -0.33 12.68 -18.94
C SER C 289 1.12 12.93 -19.29
N LYS C 290 2.03 12.23 -18.59
CA LYS C 290 3.45 12.32 -18.87
C LYS C 290 3.88 11.46 -20.05
N THR C 291 2.97 10.62 -20.56
CA THR C 291 3.31 9.66 -21.61
C THR C 291 2.35 9.66 -22.80
N GLU C 292 1.26 10.44 -22.76
CA GLU C 292 0.27 10.35 -23.82
C GLU C 292 0.85 10.69 -25.20
N SER C 293 1.71 11.70 -25.26
CA SER C 293 2.39 12.03 -26.51
C SER C 293 3.18 10.85 -27.06
N ASN C 294 3.55 9.90 -26.21
CA ASN C 294 4.24 8.68 -26.65
C ASN C 294 3.24 7.66 -27.18
N THR C 295 2.22 7.33 -26.40
CA THR C 295 1.27 6.28 -26.75
C THR C 295 0.26 6.73 -27.81
N ALA C 296 0.02 8.03 -27.95
CA ALA C 296 -0.90 8.49 -28.97
C ALA C 296 -0.39 8.20 -30.38
N GLY C 297 0.91 8.00 -30.55
CA GLY C 297 1.47 7.66 -31.84
C GLY C 297 1.65 6.17 -32.01
N VAL C 298 0.84 5.37 -31.32
CA VAL C 298 0.91 3.92 -31.39
C VAL C 298 -0.28 3.42 -32.17
N SER C 299 -0.02 2.75 -33.29
CA SER C 299 -1.04 1.98 -33.99
C SER C 299 -1.02 0.56 -33.45
N VAL C 300 -2.21 -0.02 -33.30
CA VAL C 300 -2.37 -1.34 -32.70
C VAL C 300 -2.75 -2.32 -33.81
N ASN C 301 -1.95 -3.37 -33.96
CA ASN C 301 -2.28 -4.48 -34.83
C ASN C 301 -3.00 -5.56 -34.04
N VAL C 302 -3.87 -6.29 -34.73
CA VAL C 302 -4.54 -7.42 -34.08
C VAL C 302 -3.55 -8.56 -33.85
N GLY C 303 -2.66 -8.80 -34.81
CA GLY C 303 -1.73 -9.91 -34.77
C GLY C 303 -0.31 -9.46 -34.46
N TYR C 304 0.44 -10.33 -33.79
CA TYR C 304 1.86 -10.12 -33.54
C TYR C 304 2.61 -11.31 -34.11
N GLN C 305 3.82 -11.05 -34.61
CA GLN C 305 4.57 -12.06 -35.34
C GLN C 305 5.95 -12.26 -34.73
N ASN C 306 6.47 -13.48 -34.90
CA ASN C 306 7.86 -13.81 -34.56
C ASN C 306 8.21 -13.42 -33.13
N GLY C 307 7.24 -13.56 -32.23
CA GLY C 307 7.45 -13.27 -30.83
C GLY C 307 7.45 -11.80 -30.46
N PHE C 308 7.50 -10.89 -31.42
CA PHE C 308 7.46 -9.47 -31.10
C PHE C 308 6.06 -9.08 -30.65
N THR C 309 5.82 -9.17 -29.34
CA THR C 309 4.51 -8.89 -28.76
C THR C 309 4.35 -7.44 -28.31
N ALA C 310 5.27 -6.57 -28.70
CA ALA C 310 5.23 -5.17 -28.32
C ALA C 310 4.70 -4.32 -29.48
N ASN C 311 4.70 -3.01 -29.27
CA ASN C 311 4.20 -2.08 -30.26
C ASN C 311 5.22 -0.97 -30.48
N VAL C 312 5.07 -0.28 -31.61
CA VAL C 312 5.98 0.78 -32.03
C VAL C 312 5.24 2.10 -31.95
N THR C 313 5.88 3.10 -31.37
CA THR C 313 5.38 4.47 -31.43
C THR C 313 6.16 5.24 -32.48
N THR C 314 5.46 6.15 -33.17
CA THR C 314 6.10 7.03 -34.15
C THR C 314 6.83 8.18 -33.48
N ASN C 315 6.60 8.41 -32.20
CA ASN C 315 7.12 9.60 -31.51
C ASN C 315 7.39 9.20 -30.06
N TYR C 316 8.60 8.73 -29.80
CA TYR C 316 9.01 8.39 -28.44
C TYR C 316 9.28 9.70 -27.70
N SER C 317 8.28 10.19 -27.00
CA SER C 317 8.42 11.34 -26.12
C SER C 317 8.73 10.87 -24.71
N HIS C 318 9.52 11.68 -24.01
CA HIS C 318 9.90 11.36 -22.64
C HIS C 318 8.86 11.95 -21.67
N THR C 319 9.03 11.66 -20.38
CA THR C 319 8.11 12.14 -19.36
C THR C 319 8.18 13.66 -19.19
N THR C 320 9.14 14.33 -19.83
CA THR C 320 9.23 15.79 -19.80
C THR C 320 8.25 16.45 -20.76
N ASP C 321 7.64 15.69 -21.66
CA ASP C 321 6.67 16.22 -22.62
C ASP C 321 5.28 15.81 -22.15
N ASN C 322 4.52 16.78 -21.64
CA ASN C 322 3.30 16.54 -20.89
C ASN C 322 2.10 17.00 -21.70
N SER C 323 1.11 16.11 -21.86
CA SER C 323 -0.12 16.42 -22.58
C SER C 323 -1.22 16.81 -21.60
N THR C 324 -2.14 17.64 -22.07
CA THR C 324 -3.21 18.18 -21.23
C THR C 324 -4.57 17.85 -21.86
N ALA C 325 -5.47 17.32 -21.05
CA ALA C 325 -6.84 17.01 -21.47
C ALA C 325 -7.80 17.89 -20.70
N VAL C 326 -8.61 18.67 -21.41
CA VAL C 326 -9.57 19.56 -20.78
C VAL C 326 -10.80 18.76 -20.37
N GLN C 327 -11.24 18.94 -19.12
CA GLN C 327 -12.33 18.17 -18.55
C GLN C 327 -13.59 19.01 -18.45
N ASP C 328 -14.74 18.32 -18.38
CA ASP C 328 -16.03 18.92 -18.06
C ASP C 328 -16.36 20.08 -19.00
N SER C 329 -16.10 19.89 -20.30
CA SER C 329 -16.31 20.96 -21.27
C SER C 329 -17.74 20.98 -21.82
N ASN C 330 -18.35 19.82 -21.98
CA ASN C 330 -19.73 19.69 -22.49
C ASN C 330 -19.88 20.29 -23.88
N GLY C 331 -18.83 20.20 -24.69
CA GLY C 331 -18.90 20.68 -26.07
C GLY C 331 -19.01 22.18 -26.19
N GLU C 332 -19.01 22.89 -25.07
CA GLU C 332 -19.10 24.34 -25.10
C GLU C 332 -17.75 24.91 -25.51
N SER C 333 -17.75 25.69 -26.59
CA SER C 333 -16.51 26.28 -27.08
C SER C 333 -15.91 27.24 -26.06
N TRP C 334 -14.57 27.27 -26.02
CA TRP C 334 -13.89 28.21 -25.14
C TRP C 334 -14.30 29.64 -25.41
N ASN C 335 -14.62 29.95 -26.67
CA ASN C 335 -14.90 31.33 -27.07
C ASN C 335 -16.31 31.78 -26.74
N THR C 336 -17.25 30.87 -26.49
CA THR C 336 -18.59 31.29 -26.09
C THR C 336 -18.56 32.07 -24.78
N GLY C 337 -17.66 31.70 -23.87
CA GLY C 337 -17.49 32.45 -22.64
C GLY C 337 -16.54 33.62 -22.71
N LEU C 338 -16.07 33.98 -23.91
CA LEU C 338 -15.09 35.05 -24.04
C LEU C 338 -15.51 36.07 -25.10
N SER C 339 -16.19 35.61 -26.15
CA SER C 339 -16.65 36.47 -27.25
C SER C 339 -15.47 37.16 -27.95
N ILE C 340 -14.35 36.45 -28.05
CA ILE C 340 -13.19 36.95 -28.77
C ILE C 340 -13.44 36.79 -30.27
N ASN C 341 -12.99 37.78 -31.05
CA ASN C 341 -13.22 37.80 -32.48
C ASN C 341 -11.93 37.60 -33.25
N LYS C 342 -12.07 37.38 -34.56
CA LYS C 342 -10.94 37.05 -35.42
C LYS C 342 -9.90 38.16 -35.39
N GLY C 343 -8.67 37.81 -35.04
CA GLY C 343 -7.59 38.76 -34.91
C GLY C 343 -7.34 39.24 -33.50
N GLU C 344 -8.26 39.00 -32.58
CA GLU C 344 -8.09 39.34 -31.18
C GLU C 344 -7.48 38.17 -30.42
N SER C 345 -6.97 38.47 -29.22
CA SER C 345 -6.30 37.45 -28.42
C SER C 345 -6.88 37.43 -27.01
N ALA C 346 -7.12 36.22 -26.52
CA ALA C 346 -7.39 36.00 -25.11
C ALA C 346 -6.06 35.71 -24.40
N TYR C 347 -6.11 35.46 -23.10
CA TYR C 347 -4.89 35.30 -22.33
C TYR C 347 -5.00 34.09 -21.40
N ILE C 348 -3.92 33.33 -21.31
CA ILE C 348 -3.89 32.05 -20.63
C ILE C 348 -3.25 32.21 -19.27
N ASN C 349 -3.92 31.68 -18.24
CA ASN C 349 -3.33 31.40 -16.95
C ASN C 349 -3.59 29.92 -16.66
N ALA C 350 -2.69 29.30 -15.90
CA ALA C 350 -2.82 27.87 -15.66
C ALA C 350 -2.39 27.54 -14.24
N ASN C 351 -2.95 26.44 -13.73
CA ASN C 351 -2.48 25.78 -12.52
C ASN C 351 -1.57 24.64 -12.94
N VAL C 352 -0.32 24.68 -12.52
CA VAL C 352 0.67 23.71 -12.95
C VAL C 352 1.29 23.05 -11.72
N ARG C 353 1.94 21.91 -11.95
CA ARG C 353 2.60 21.16 -10.89
C ARG C 353 3.85 20.55 -11.49
N TYR C 354 5.01 20.89 -10.94
CA TYR C 354 6.24 20.29 -11.41
C TYR C 354 6.41 18.91 -10.81
N TYR C 355 7.23 18.10 -11.45
CA TYR C 355 7.46 16.73 -10.99
C TYR C 355 8.88 16.31 -11.32
N ASN C 356 9.30 15.20 -10.71
CA ASN C 356 10.62 14.62 -10.98
C ASN C 356 10.43 13.12 -11.09
N THR C 357 10.35 12.62 -12.32
CA THR C 357 10.18 11.20 -12.60
C THR C 357 11.50 10.45 -12.61
N GLY C 358 12.62 11.11 -12.28
CA GLY C 358 13.92 10.51 -12.34
C GLY C 358 14.31 9.80 -11.05
N THR C 359 15.62 9.62 -10.88
CA THR C 359 16.18 8.97 -9.70
C THR C 359 16.93 9.93 -8.79
N ALA C 360 17.24 11.14 -9.25
CA ALA C 360 18.06 12.05 -8.48
C ALA C 360 17.32 13.37 -8.26
N PRO C 361 17.59 14.05 -7.15
CA PRO C 361 16.97 15.37 -6.94
C PRO C 361 17.60 16.41 -7.85
N MET C 362 16.81 17.42 -8.17
CA MET C 362 17.27 18.58 -8.92
C MET C 362 17.33 19.74 -7.94
N TYR C 363 18.51 19.96 -7.35
CA TYR C 363 18.72 21.09 -6.45
C TYR C 363 18.86 22.36 -7.28
N LYS C 364 18.28 23.45 -6.78
CA LYS C 364 18.24 24.72 -7.53
C LYS C 364 17.53 24.54 -8.86
N VAL C 365 16.37 23.86 -8.82
CA VAL C 365 15.70 23.46 -10.04
C VAL C 365 15.31 24.71 -10.83
N THR C 366 15.85 24.84 -12.05
CA THR C 366 15.57 25.97 -12.93
C THR C 366 15.11 25.41 -14.26
N PRO C 367 13.82 25.14 -14.41
CA PRO C 367 13.31 24.49 -15.62
C PRO C 367 12.85 25.49 -16.68
N THR C 368 13.01 25.07 -17.93
CA THR C 368 12.53 25.80 -19.09
C THR C 368 11.50 24.93 -19.80
N THR C 369 10.27 25.42 -19.87
CA THR C 369 9.16 24.64 -20.43
C THR C 369 8.48 25.44 -21.52
N ASN C 370 8.32 24.83 -22.68
CA ASN C 370 7.54 25.41 -23.77
C ASN C 370 6.08 25.00 -23.61
N LEU C 371 5.19 26.00 -23.60
CA LEU C 371 3.76 25.76 -23.65
C LEU C 371 3.38 25.70 -25.13
N VAL C 372 2.99 24.52 -25.61
CA VAL C 372 2.85 24.25 -27.03
C VAL C 372 1.40 23.92 -27.36
N LEU C 373 0.91 24.44 -28.48
CA LEU C 373 -0.41 24.12 -28.99
C LEU C 373 -0.30 23.94 -30.51
N ASP C 374 -0.49 22.71 -30.97
CA ASP C 374 -0.46 22.39 -32.41
C ASP C 374 0.85 22.87 -33.04
N GLY C 375 1.94 22.76 -32.29
CA GLY C 375 3.24 23.16 -32.75
C GLY C 375 3.64 24.58 -32.39
N ASP C 376 2.69 25.44 -32.06
CA ASP C 376 2.99 26.82 -31.72
C ASP C 376 3.40 26.93 -30.25
N THR C 377 4.58 27.51 -30.02
CA THR C 377 5.01 27.82 -28.67
C THR C 377 4.33 29.11 -28.23
N LEU C 378 3.36 29.00 -27.32
CA LEU C 378 2.64 30.18 -26.86
C LEU C 378 3.49 31.00 -25.91
N SER C 379 4.30 30.35 -25.08
CA SER C 379 5.32 31.01 -24.30
C SER C 379 6.34 29.97 -23.88
N THR C 380 7.45 30.46 -23.31
CA THR C 380 8.47 29.60 -22.72
C THR C 380 8.55 29.95 -21.24
N ILE C 381 8.07 29.05 -20.39
CA ILE C 381 8.04 29.28 -18.95
C ILE C 381 9.43 29.05 -18.38
N LYS C 382 10.00 30.07 -17.74
CA LYS C 382 11.33 29.99 -17.14
C LYS C 382 11.16 30.13 -15.63
N ALA C 383 10.78 29.03 -14.99
CA ALA C 383 10.57 29.04 -13.55
C ALA C 383 11.89 29.22 -12.82
N GLN C 384 11.86 29.99 -11.74
CA GLN C 384 13.04 30.20 -10.91
C GLN C 384 12.95 29.33 -9.66
N GLU C 385 14.11 28.85 -9.21
CA GLU C 385 14.14 27.88 -8.12
C GLU C 385 13.45 28.41 -6.86
N ASN C 386 13.63 29.70 -6.57
CA ASN C 386 13.05 30.27 -5.36
C ASN C 386 11.52 30.21 -5.35
N GLN C 387 10.90 30.01 -6.51
CA GLN C 387 9.44 30.01 -6.61
C GLN C 387 8.85 28.61 -6.80
N ILE C 388 9.69 27.58 -6.87
CA ILE C 388 9.19 26.22 -7.07
C ILE C 388 9.82 25.26 -6.07
N GLY C 389 10.03 25.73 -4.84
CA GLY C 389 10.53 24.86 -3.79
C GLY C 389 12.03 24.66 -3.77
N ASN C 390 12.78 25.42 -4.57
CA ASN C 390 14.24 25.36 -4.61
C ASN C 390 14.75 24.02 -5.11
N ASN C 391 14.32 22.93 -4.48
CA ASN C 391 14.75 21.58 -4.86
C ASN C 391 13.54 20.73 -5.15
N LEU C 392 13.69 19.82 -6.11
CA LEU C 392 12.62 18.91 -6.53
C LEU C 392 13.15 17.48 -6.47
N SER C 393 12.76 16.74 -5.45
CA SER C 393 13.26 15.39 -5.23
C SER C 393 12.56 14.38 -6.13
N PRO C 394 13.22 13.26 -6.46
CA PRO C 394 12.62 12.28 -7.36
C PRO C 394 11.36 11.66 -6.76
N GLY C 395 10.31 11.59 -7.58
CA GLY C 395 9.03 11.10 -7.13
C GLY C 395 8.16 12.12 -6.42
N ASP C 396 8.68 13.32 -6.17
CA ASP C 396 7.92 14.38 -5.53
C ASP C 396 7.49 15.41 -6.56
N THR C 397 6.67 16.36 -6.10
CA THR C 397 6.09 17.38 -6.97
C THR C 397 6.19 18.73 -6.28
N TYR C 398 6.21 19.80 -7.07
CA TYR C 398 5.94 21.12 -6.54
C TYR C 398 4.70 21.70 -7.20
N PRO C 399 3.71 22.16 -6.43
CA PRO C 399 3.63 22.08 -4.96
C PRO C 399 3.56 20.64 -4.48
N LYS C 400 3.77 20.36 -3.20
CA LYS C 400 3.80 18.98 -2.74
C LYS C 400 2.45 18.30 -2.99
N LYS C 401 2.48 16.96 -2.98
CA LYS C 401 1.39 16.18 -3.54
C LYS C 401 0.04 16.54 -2.95
N GLY C 402 0.01 16.95 -1.69
CA GLY C 402 -1.27 17.21 -1.04
C GLY C 402 -1.81 18.62 -1.23
N LEU C 403 -1.02 19.53 -1.77
CA LEU C 403 -1.37 20.95 -1.78
C LEU C 403 -1.90 21.38 -3.15
N SER C 404 -2.51 22.56 -3.15
CA SER C 404 -3.08 23.12 -4.37
C SER C 404 -1.99 23.40 -5.39
N PRO C 405 -2.29 23.30 -6.68
CA PRO C 405 -1.26 23.52 -7.70
C PRO C 405 -0.83 24.97 -7.81
N LEU C 406 0.34 25.16 -8.41
CA LEU C 406 0.93 26.48 -8.57
C LEU C 406 0.29 27.20 -9.76
N ALA C 407 -0.17 28.42 -9.52
CA ALA C 407 -0.74 29.24 -10.58
C ALA C 407 0.37 29.99 -11.31
N LEU C 408 0.31 29.99 -12.64
CA LEU C 408 1.35 30.65 -13.42
C LEU C 408 1.48 32.12 -13.07
N ASN C 409 0.35 32.78 -12.80
CA ASN C 409 0.36 34.23 -12.57
C ASN C 409 1.15 34.61 -11.32
N THR C 410 1.32 33.70 -10.36
CA THR C 410 2.15 33.98 -9.20
C THR C 410 3.64 33.87 -9.49
N MET C 411 4.02 33.36 -10.66
CA MET C 411 5.42 33.36 -11.05
C MET C 411 5.85 34.76 -11.48
N ASP C 412 7.11 35.08 -11.20
CA ASP C 412 7.62 36.41 -11.56
C ASP C 412 7.46 36.70 -13.04
N GLN C 413 7.64 35.67 -13.88
CA GLN C 413 7.56 35.86 -15.33
C GLN C 413 6.18 36.37 -15.75
N PHE C 414 5.12 35.87 -15.10
CA PHE C 414 3.76 36.20 -15.47
C PHE C 414 3.05 37.04 -14.42
N SER C 415 3.80 37.72 -13.54
CA SER C 415 3.17 38.54 -12.52
C SER C 415 2.51 39.78 -13.12
N SER C 416 3.01 40.26 -14.25
CA SER C 416 2.45 41.44 -14.91
C SER C 416 1.56 41.10 -16.09
N ARG C 417 1.97 40.17 -16.94
CA ARG C 417 1.21 39.81 -18.13
C ARG C 417 1.13 38.30 -18.24
N LEU C 418 0.01 37.82 -18.79
CA LEU C 418 -0.24 36.40 -18.98
C LEU C 418 0.22 35.97 -20.38
N ILE C 419 -0.21 34.79 -20.81
CA ILE C 419 0.21 34.21 -22.08
C ILE C 419 -0.89 34.46 -23.11
N PRO C 420 -0.64 35.22 -24.17
CA PRO C 420 -1.68 35.48 -25.17
C PRO C 420 -1.95 34.25 -26.03
N ILE C 421 -3.19 34.11 -26.46
CA ILE C 421 -3.61 33.02 -27.32
C ILE C 421 -4.58 33.56 -28.36
N ASN C 422 -4.40 33.16 -29.62
CA ASN C 422 -5.12 33.72 -30.75
C ASN C 422 -6.56 33.20 -30.82
N TYR C 423 -7.38 33.91 -31.58
CA TYR C 423 -8.70 33.40 -31.94
C TYR C 423 -8.59 32.05 -32.63
N ASP C 424 -7.65 31.93 -33.57
CA ASP C 424 -7.48 30.67 -34.29
C ASP C 424 -6.93 29.58 -33.39
N GLN C 425 -6.08 29.94 -32.43
CA GLN C 425 -5.59 28.94 -31.49
C GLN C 425 -6.68 28.51 -30.51
N LEU C 426 -7.64 29.39 -30.23
CA LEU C 426 -8.79 29.01 -29.42
C LEU C 426 -9.64 27.98 -30.14
N LYS C 427 -9.78 28.11 -31.46
CA LYS C 427 -10.51 27.12 -32.25
C LYS C 427 -9.80 25.78 -32.22
N LYS C 428 -8.47 25.78 -32.35
CA LYS C 428 -7.71 24.54 -32.22
C LYS C 428 -7.99 23.88 -30.88
N LEU C 429 -8.09 24.68 -29.81
CA LEU C 429 -8.42 24.14 -28.49
C LEU C 429 -9.81 23.51 -28.50
N ASP C 430 -10.75 24.13 -29.21
CA ASP C 430 -12.09 23.55 -29.32
C ASP C 430 -12.08 22.30 -30.20
N ALA C 431 -11.23 22.29 -31.23
CA ALA C 431 -11.13 21.13 -32.10
C ALA C 431 -10.59 19.90 -31.38
N GLY C 432 -10.03 20.09 -30.19
CA GLY C 432 -9.46 18.99 -29.42
C GLY C 432 -7.96 18.99 -29.35
N LYS C 433 -7.28 19.93 -30.04
CA LYS C 433 -5.83 20.02 -29.94
C LYS C 433 -5.43 20.29 -28.50
N GLN C 434 -4.46 19.53 -28.01
CA GLN C 434 -4.10 19.54 -26.61
C GLN C 434 -2.92 20.48 -26.34
N ILE C 435 -2.98 21.19 -25.22
CA ILE C 435 -1.84 21.98 -24.77
C ILE C 435 -0.76 21.03 -24.28
N LYS C 436 0.43 21.14 -24.86
CA LYS C 436 1.58 20.39 -24.40
C LYS C 436 2.44 21.29 -23.53
N LEU C 437 2.92 20.74 -22.42
CA LEU C 437 3.97 21.37 -21.61
C LEU C 437 5.24 20.57 -21.84
N GLU C 438 6.14 21.12 -22.65
CA GLU C 438 7.36 20.44 -23.07
C GLU C 438 8.53 21.11 -22.36
N THR C 439 9.01 20.47 -21.30
CA THR C 439 10.20 20.94 -20.58
C THR C 439 11.43 20.57 -21.40
N THR C 440 12.12 21.58 -21.91
CA THR C 440 13.21 21.37 -22.85
C THR C 440 14.58 21.29 -22.20
N GLN C 441 14.79 22.00 -21.10
CA GLN C 441 16.04 21.91 -20.36
C GLN C 441 15.77 22.32 -18.92
N VAL C 442 16.52 21.70 -18.00
CA VAL C 442 16.42 22.01 -16.58
C VAL C 442 17.84 22.17 -16.05
N SER C 443 18.19 23.39 -15.64
CA SER C 443 19.43 23.61 -14.92
C SER C 443 19.25 23.27 -13.45
N GLY C 444 20.31 22.74 -12.84
CA GLY C 444 20.24 22.38 -11.44
C GLY C 444 21.51 21.69 -11.00
N ASN C 445 21.54 21.35 -9.72
CA ASN C 445 22.73 20.81 -9.09
C ASN C 445 22.43 19.47 -8.45
N PHE C 446 23.50 18.71 -8.20
CA PHE C 446 23.41 17.44 -7.50
C PHE C 446 24.11 17.55 -6.14
N GLY C 447 23.85 16.57 -5.29
CA GLY C 447 24.33 16.59 -3.93
C GLY C 447 25.54 15.70 -3.71
N THR C 448 26.62 16.28 -3.21
CA THR C 448 27.77 15.56 -2.74
C THR C 448 27.90 15.75 -1.24
N LYS C 449 28.32 14.70 -0.54
CA LYS C 449 28.46 14.79 0.91
C LYS C 449 29.64 15.69 1.26
N ASN C 450 29.69 16.09 2.54
CA ASN C 450 30.73 17.01 3.00
C ASN C 450 30.85 16.92 4.51
N SER C 451 32.05 16.59 4.99
CA SER C 451 32.35 16.53 6.43
C SER C 451 31.49 15.50 7.16
N SER C 452 30.54 15.97 7.97
CA SER C 452 29.75 15.09 8.82
C SER C 452 28.64 14.36 8.07
N GLY C 453 28.74 14.25 6.75
CA GLY C 453 27.68 13.65 5.96
C GLY C 453 26.67 14.63 5.40
N GLN C 454 26.97 15.93 5.44
CA GLN C 454 26.03 16.93 4.95
C GLN C 454 26.09 17.05 3.44
N ILE C 455 24.95 17.31 2.83
CA ILE C 455 24.84 17.42 1.37
C ILE C 455 25.18 18.84 0.96
N VAL C 456 26.14 18.97 0.04
CA VAL C 456 26.57 20.24 -0.52
C VAL C 456 26.24 20.24 -2.01
N THR C 457 25.69 21.35 -2.51
CA THR C 457 25.13 21.34 -3.86
C THR C 457 25.77 22.33 -4.82
N GLU C 458 26.12 23.54 -4.37
CA GLU C 458 26.56 24.56 -5.32
C GLU C 458 27.88 24.18 -5.98
N GLY C 459 28.00 24.56 -7.25
CA GLY C 459 29.10 24.14 -8.09
C GLY C 459 28.90 22.81 -8.78
N ASN C 460 27.96 21.99 -8.30
CA ASN C 460 27.74 20.65 -8.84
C ASN C 460 26.68 20.70 -9.94
N SER C 461 27.05 21.32 -11.06
CA SER C 461 26.11 21.46 -12.16
C SER C 461 25.81 20.10 -12.80
N TRP C 462 24.52 19.86 -13.07
CA TRP C 462 24.07 18.63 -13.71
C TRP C 462 24.34 18.62 -15.22
N SER C 463 24.67 19.77 -15.81
CA SER C 463 24.59 19.94 -17.26
C SER C 463 25.43 18.92 -18.01
N ASP C 464 26.72 18.84 -17.69
CA ASP C 464 27.60 17.93 -18.44
C ASP C 464 27.28 16.47 -18.16
N TYR C 465 26.82 16.15 -16.95
CA TYR C 465 26.49 14.77 -16.64
C TYR C 465 25.24 14.31 -17.38
N ILE C 466 24.26 15.20 -17.55
CA ILE C 466 23.05 14.84 -18.29
C ILE C 466 23.40 14.40 -19.71
N SER C 467 24.23 15.18 -20.39
CA SER C 467 24.63 14.82 -21.76
C SER C 467 25.44 13.54 -21.77
N GLN C 468 26.39 13.41 -20.84
CA GLN C 468 27.23 12.22 -20.78
C GLN C 468 26.40 10.96 -20.55
N ILE C 469 25.46 11.02 -19.61
CA ILE C 469 24.59 9.88 -19.32
C ILE C 469 23.83 9.47 -20.56
N ASP C 470 23.25 10.46 -21.27
CA ASP C 470 22.40 10.16 -22.41
C ASP C 470 23.16 9.51 -23.55
N SER C 471 24.46 9.77 -23.67
CA SER C 471 25.25 9.25 -24.77
C SER C 471 25.58 7.77 -24.63
N ILE C 472 25.39 7.17 -23.45
CA ILE C 472 25.81 5.79 -23.22
C ILE C 472 24.67 4.95 -22.68
N SER C 473 23.44 5.46 -22.74
CA SER C 473 22.35 4.83 -22.02
C SER C 473 21.20 4.45 -22.95
N ALA C 474 20.28 3.68 -22.39
CA ALA C 474 18.95 3.48 -22.94
C ALA C 474 17.94 4.19 -22.05
N SER C 475 16.84 4.60 -22.63
CA SER C 475 15.75 5.24 -21.88
C SER C 475 14.64 4.23 -21.67
N ILE C 476 14.25 4.03 -20.41
CA ILE C 476 13.18 3.12 -20.05
C ILE C 476 12.16 3.89 -19.21
N ILE C 477 10.91 3.91 -19.67
CA ILE C 477 9.83 4.59 -18.95
C ILE C 477 8.85 3.53 -18.49
N LEU C 478 8.51 3.56 -17.20
CA LEU C 478 7.43 2.77 -16.63
C LEU C 478 6.29 3.71 -16.29
N ASP C 479 5.12 3.45 -16.86
CA ASP C 479 3.95 4.29 -16.65
C ASP C 479 2.88 3.48 -15.92
N THR C 480 2.67 3.80 -14.65
CA THR C 480 1.47 3.40 -13.94
C THR C 480 0.50 4.57 -13.91
N GLU C 481 -0.73 4.28 -13.49
CA GLU C 481 -1.74 5.33 -13.40
C GLU C 481 -1.32 6.40 -12.40
N ASN C 482 -0.78 6.00 -11.25
CA ASN C 482 -0.47 6.96 -10.19
C ASN C 482 0.83 7.70 -10.45
N GLU C 483 1.86 6.99 -10.91
CA GLU C 483 3.18 7.58 -11.05
C GLU C 483 3.86 7.07 -12.30
N SER C 484 4.62 7.94 -12.95
CA SER C 484 5.47 7.58 -14.08
C SER C 484 6.93 7.61 -13.64
N TYR C 485 7.72 6.70 -14.18
CA TYR C 485 9.13 6.57 -13.81
C TYR C 485 9.97 6.45 -15.08
N GLU C 486 10.89 7.39 -15.28
CA GLU C 486 11.81 7.34 -16.41
C GLU C 486 13.23 7.14 -15.92
N ARG C 487 13.97 6.26 -16.61
CA ARG C 487 15.29 5.84 -16.18
C ARG C 487 16.27 5.92 -17.35
N ARG C 488 17.55 5.99 -16.99
CA ARG C 488 18.66 5.86 -17.93
C ARG C 488 19.49 4.66 -17.48
N VAL C 489 19.48 3.60 -18.27
CA VAL C 489 20.27 2.41 -18.00
C VAL C 489 21.43 2.37 -18.98
N THR C 490 22.65 2.29 -18.44
CA THR C 490 23.83 2.17 -19.28
C THR C 490 23.72 0.91 -20.13
N ALA C 491 23.91 1.07 -21.43
CA ALA C 491 23.82 -0.03 -22.37
C ALA C 491 25.04 -0.03 -23.28
N LYS C 492 25.46 -1.21 -23.68
CA LYS C 492 26.66 -1.34 -24.49
C LYS C 492 26.37 -1.01 -25.95
N ASN C 493 27.32 -0.33 -26.59
CA ASN C 493 27.37 -0.24 -28.04
C ASN C 493 27.89 -1.58 -28.54
N LEU C 494 26.99 -2.41 -29.07
CA LEU C 494 27.36 -3.77 -29.44
C LEU C 494 28.35 -3.80 -30.60
N GLN C 495 28.47 -2.71 -31.35
CA GLN C 495 29.42 -2.64 -32.46
C GLN C 495 30.80 -2.19 -32.01
N ASP C 496 30.92 -1.53 -30.86
CA ASP C 496 32.20 -1.06 -30.32
C ASP C 496 32.95 -2.23 -29.69
N PRO C 497 34.07 -2.67 -30.27
CA PRO C 497 34.79 -3.82 -29.69
C PRO C 497 35.48 -3.49 -28.38
N GLU C 498 35.67 -2.22 -28.05
CA GLU C 498 36.36 -1.83 -26.82
C GLU C 498 35.40 -1.35 -25.74
N ASP C 499 34.10 -1.35 -26.00
CA ASP C 499 33.10 -0.93 -25.02
C ASP C 499 32.95 -2.02 -23.97
N LYS C 500 33.44 -1.76 -22.76
CA LYS C 500 33.40 -2.74 -21.68
C LYS C 500 32.19 -2.57 -20.79
N THR C 501 31.12 -1.98 -21.30
CA THR C 501 29.88 -1.88 -20.54
C THR C 501 29.27 -3.26 -20.38
N PRO C 502 28.84 -3.64 -19.17
CA PRO C 502 28.23 -4.96 -19.00
C PRO C 502 27.00 -5.12 -19.87
N GLU C 503 26.82 -6.33 -20.41
CA GLU C 503 25.68 -6.65 -21.24
C GLU C 503 24.48 -6.95 -20.35
N LEU C 504 23.39 -6.21 -20.54
CA LEU C 504 22.13 -6.49 -19.88
C LEU C 504 21.09 -6.89 -20.91
N THR C 505 20.29 -7.90 -20.59
CA THR C 505 19.06 -8.06 -21.32
C THR C 505 18.09 -6.93 -20.95
N ILE C 506 17.10 -6.71 -21.81
CA ILE C 506 16.06 -5.73 -21.50
C ILE C 506 15.39 -6.06 -20.17
N GLY C 507 15.20 -7.36 -19.91
CA GLY C 507 14.60 -7.77 -18.65
C GLY C 507 15.45 -7.44 -17.44
N GLU C 508 16.76 -7.70 -17.52
CA GLU C 508 17.66 -7.34 -16.43
C GLU C 508 17.70 -5.84 -16.24
N ALA C 509 17.64 -5.07 -17.33
CA ALA C 509 17.66 -3.62 -17.23
C ALA C 509 16.39 -3.09 -16.58
N ILE C 510 15.23 -3.61 -16.98
CA ILE C 510 13.97 -3.20 -16.36
C ILE C 510 13.97 -3.51 -14.87
N GLU C 511 14.48 -4.69 -14.49
CA GLU C 511 14.56 -5.04 -13.09
C GLU C 511 15.39 -4.04 -12.31
N LYS C 512 16.60 -3.72 -12.80
CA LYS C 512 17.46 -2.76 -12.12
C LYS C 512 16.83 -1.38 -12.10
N ALA C 513 16.29 -0.93 -13.24
CA ALA C 513 15.87 0.46 -13.38
C ALA C 513 14.76 0.82 -12.41
N PHE C 514 13.91 -0.14 -12.04
CA PHE C 514 12.74 0.15 -11.22
C PHE C 514 12.72 -0.63 -9.91
N GLY C 515 13.81 -1.31 -9.56
CA GLY C 515 13.80 -2.13 -8.36
C GLY C 515 12.71 -3.18 -8.36
N ALA C 516 12.50 -3.81 -9.51
CA ALA C 516 11.42 -4.78 -9.63
C ALA C 516 11.77 -6.06 -8.88
N THR C 517 10.75 -6.65 -8.25
CA THR C 517 10.91 -7.93 -7.60
C THR C 517 10.60 -9.05 -8.60
N LYS C 518 10.79 -10.29 -8.17
CA LYS C 518 10.53 -11.45 -9.01
C LYS C 518 9.61 -12.42 -8.29
N LYS C 519 8.72 -13.05 -9.05
CA LYS C 519 7.78 -14.04 -8.53
C LYS C 519 7.56 -15.05 -9.65
N ASP C 520 8.03 -16.28 -9.45
CA ASP C 520 8.03 -17.32 -10.48
C ASP C 520 8.82 -16.87 -11.71
N GLY C 521 9.94 -16.18 -11.46
CA GLY C 521 10.80 -15.72 -12.54
C GLY C 521 10.31 -14.49 -13.27
N LEU C 522 9.11 -14.00 -12.97
CA LEU C 522 8.54 -12.86 -13.66
C LEU C 522 8.65 -11.61 -12.81
N LEU C 523 8.92 -10.48 -13.46
CA LEU C 523 9.15 -9.24 -12.75
C LEU C 523 7.84 -8.65 -12.22
N TYR C 524 7.95 -8.01 -11.06
CA TYR C 524 6.83 -7.32 -10.44
C TYR C 524 7.30 -5.95 -9.97
N PHE C 525 6.49 -4.93 -10.23
CA PHE C 525 6.72 -3.59 -9.71
C PHE C 525 5.73 -3.40 -8.56
N ASN C 526 6.22 -3.50 -7.33
CA ASN C 526 5.37 -3.62 -6.16
C ASN C 526 4.39 -4.76 -6.34
N ASP C 527 3.10 -4.44 -6.41
CA ASP C 527 2.07 -5.45 -6.62
C ASP C 527 1.65 -5.58 -8.08
N ILE C 528 2.26 -4.81 -8.97
CA ILE C 528 1.87 -4.80 -10.39
C ILE C 528 2.76 -5.76 -11.17
N PRO C 529 2.20 -6.69 -11.93
CA PRO C 529 3.02 -7.52 -12.81
C PRO C 529 3.54 -6.68 -13.98
N ILE C 530 4.85 -6.73 -14.22
CA ILE C 530 5.44 -6.00 -15.32
C ILE C 530 6.18 -6.91 -16.29
N ASP C 531 5.87 -8.20 -16.31
CA ASP C 531 6.40 -9.05 -17.36
C ASP C 531 5.87 -8.60 -18.71
N GLU C 532 6.62 -8.93 -19.77
CA GLU C 532 6.22 -8.53 -21.12
C GLU C 532 4.85 -9.06 -21.50
N SER C 533 4.39 -10.13 -20.87
CA SER C 533 3.08 -10.70 -21.15
C SER C 533 1.95 -10.04 -20.34
N CYS C 534 2.28 -9.12 -19.43
CA CYS C 534 1.29 -8.45 -18.61
C CYS C 534 1.23 -6.95 -18.84
N VAL C 535 2.01 -6.41 -19.79
CA VAL C 535 2.10 -4.99 -20.02
C VAL C 535 2.09 -4.72 -21.52
N GLU C 536 1.91 -3.45 -21.88
CA GLU C 536 2.05 -3.00 -23.25
C GLU C 536 3.43 -2.37 -23.39
N LEU C 537 4.35 -3.10 -24.00
CA LEU C 537 5.67 -2.57 -24.30
C LEU C 537 5.59 -1.73 -25.56
N ILE C 538 6.18 -0.53 -25.51
CA ILE C 538 6.17 0.41 -26.62
C ILE C 538 7.61 0.84 -26.91
N PHE C 539 8.03 0.68 -28.15
CA PHE C 539 9.36 1.08 -28.59
C PHE C 539 9.25 2.09 -29.72
N ASP C 540 10.32 2.85 -29.92
CA ASP C 540 10.41 3.60 -31.15
C ASP C 540 10.86 2.68 -32.28
N ASP C 541 10.91 3.23 -33.49
CA ASP C 541 11.16 2.39 -34.66
C ASP C 541 12.53 1.74 -34.60
N ASN C 542 13.56 2.49 -34.23
CA ASN C 542 14.91 1.94 -34.24
C ASN C 542 15.09 0.86 -33.18
N THR C 543 14.52 1.07 -31.99
CA THR C 543 14.61 0.05 -30.95
C THR C 543 13.82 -1.20 -31.33
N ALA C 544 12.65 -1.01 -31.94
CA ALA C 544 11.80 -2.14 -32.31
C ALA C 544 12.48 -3.01 -33.38
N ASN C 545 13.17 -2.39 -34.33
CA ASN C 545 13.85 -3.16 -35.36
C ASN C 545 14.99 -3.96 -34.77
N LYS C 546 15.74 -3.38 -33.83
CA LYS C 546 16.82 -4.12 -33.17
C LYS C 546 16.27 -5.29 -32.37
N ILE C 547 15.14 -5.09 -31.68
CA ILE C 547 14.56 -6.17 -30.88
C ILE C 547 14.02 -7.27 -31.78
N LYS C 548 13.38 -6.90 -32.90
CA LYS C 548 12.88 -7.91 -33.83
C LYS C 548 14.01 -8.76 -34.39
N ASP C 549 15.15 -8.13 -34.70
CA ASP C 549 16.30 -8.89 -35.19
C ASP C 549 16.87 -9.80 -34.11
N SER C 550 16.93 -9.32 -32.88
CA SER C 550 17.43 -10.15 -31.79
C SER C 550 16.49 -11.32 -31.51
N LEU C 551 15.17 -11.06 -31.56
CA LEU C 551 14.20 -12.12 -31.29
C LEU C 551 14.34 -13.29 -32.26
N LYS C 552 14.82 -13.03 -33.48
CA LYS C 552 15.05 -14.09 -34.44
C LYS C 552 16.25 -14.95 -34.09
N THR C 553 17.11 -14.50 -33.19
CA THR C 553 18.29 -15.26 -32.79
C THR C 553 18.09 -16.04 -31.50
N LEU C 554 16.92 -15.95 -30.88
CA LEU C 554 16.65 -16.63 -29.61
C LEU C 554 15.71 -17.80 -29.82
N SER C 555 15.95 -18.87 -29.06
CA SER C 555 14.98 -19.97 -29.01
C SER C 555 13.81 -19.60 -28.11
N ASP C 556 14.11 -19.13 -26.90
CA ASP C 556 13.12 -18.60 -25.97
C ASP C 556 12.83 -17.16 -26.37
N LYS C 557 11.87 -17.00 -27.29
CA LYS C 557 11.59 -15.68 -27.87
C LYS C 557 10.82 -14.84 -26.86
N LYS C 558 11.57 -14.17 -25.99
CA LYS C 558 11.02 -13.20 -25.05
C LYS C 558 11.78 -11.89 -25.22
N ILE C 559 11.03 -10.79 -25.34
CA ILE C 559 11.66 -9.47 -25.50
C ILE C 559 12.60 -9.20 -24.34
N TYR C 560 12.22 -9.63 -23.13
CA TYR C 560 13.04 -9.39 -21.94
C TYR C 560 14.35 -10.15 -21.97
N ASN C 561 14.52 -11.11 -22.89
CA ASN C 561 15.80 -11.79 -23.08
C ASN C 561 16.68 -11.12 -24.13
N VAL C 562 16.14 -10.14 -24.86
CA VAL C 562 16.92 -9.43 -25.87
C VAL C 562 17.92 -8.50 -25.19
N LYS C 563 19.14 -8.44 -25.73
CA LYS C 563 20.16 -7.59 -25.15
C LYS C 563 19.82 -6.12 -25.31
N LEU C 564 20.11 -5.35 -24.27
CA LEU C 564 19.91 -3.91 -24.31
C LEU C 564 21.08 -3.25 -25.03
N GLU C 565 20.76 -2.37 -25.98
CA GLU C 565 21.76 -1.60 -26.72
C GLU C 565 21.56 -0.12 -26.44
N ARG C 566 22.66 0.63 -26.43
CA ARG C 566 22.55 2.05 -26.09
C ARG C 566 21.79 2.80 -27.16
N GLY C 567 21.01 3.78 -26.73
CA GLY C 567 20.10 4.49 -27.59
C GLY C 567 18.69 3.92 -27.61
N MET C 568 18.51 2.70 -27.09
CA MET C 568 17.19 2.09 -27.08
C MET C 568 16.20 2.93 -26.29
N ASN C 569 14.96 2.99 -26.78
CA ASN C 569 13.89 3.75 -26.16
C ASN C 569 12.74 2.81 -25.87
N ILE C 570 12.43 2.63 -24.58
CA ILE C 570 11.53 1.59 -24.11
C ILE C 570 10.47 2.22 -23.21
N LEU C 571 9.22 1.87 -23.43
CA LEU C 571 8.11 2.34 -22.61
C LEU C 571 7.29 1.15 -22.17
N ILE C 572 7.11 1.00 -20.86
CA ILE C 572 6.29 -0.05 -20.28
C ILE C 572 5.01 0.60 -19.78
N LYS C 573 3.92 0.37 -20.50
CA LYS C 573 2.60 0.87 -20.12
C LYS C 573 1.88 -0.23 -19.35
N THR C 574 1.75 -0.04 -18.03
CA THR C 574 1.00 -1.04 -17.28
C THR C 574 -0.50 -0.88 -17.55
N PRO C 575 -1.24 -1.98 -17.62
CA PRO C 575 -2.66 -1.89 -17.92
C PRO C 575 -3.46 -1.25 -16.80
N THR C 576 -4.62 -0.70 -17.17
CA THR C 576 -5.59 -0.27 -16.18
C THR C 576 -6.23 -1.46 -15.48
N TYR C 577 -6.73 -2.42 -16.26
CA TYR C 577 -7.33 -3.64 -15.76
C TYR C 577 -6.57 -4.82 -16.32
N PHE C 578 -6.37 -5.84 -15.48
CA PHE C 578 -5.60 -7.01 -15.90
C PHE C 578 -6.07 -8.21 -15.10
N THR C 579 -6.04 -9.37 -15.75
CA THR C 579 -6.21 -10.64 -15.05
C THR C 579 -5.27 -11.66 -15.66
N ASN C 580 -4.59 -12.41 -14.81
CA ASN C 580 -3.83 -13.59 -15.21
C ASN C 580 -4.61 -14.87 -14.96
N PHE C 581 -5.88 -14.75 -14.57
CA PHE C 581 -6.72 -15.89 -14.20
C PHE C 581 -6.05 -16.73 -13.11
N ASP C 582 -5.20 -16.07 -12.31
CA ASP C 582 -4.55 -16.70 -11.16
C ASP C 582 -4.85 -15.83 -9.96
N ASP C 583 -3.82 -15.22 -9.35
CA ASP C 583 -3.99 -14.38 -8.19
C ASP C 583 -4.56 -13.00 -8.52
N TYR C 584 -4.37 -12.53 -9.75
CA TYR C 584 -4.58 -11.13 -10.10
C TYR C 584 -5.79 -10.99 -11.01
N ASN C 585 -6.74 -10.14 -10.60
CA ASN C 585 -7.88 -9.78 -11.44
C ASN C 585 -8.49 -8.51 -10.82
N ASN C 586 -8.02 -7.35 -11.27
CA ASN C 586 -8.50 -6.07 -10.77
C ASN C 586 -9.57 -5.46 -11.67
N TYR C 587 -10.19 -6.25 -12.54
CA TYR C 587 -11.28 -5.76 -13.36
C TYR C 587 -12.43 -5.28 -12.48
N PRO C 588 -13.15 -4.25 -12.89
CA PRO C 588 -14.27 -3.74 -12.09
C PRO C 588 -15.58 -4.48 -12.31
N SER C 589 -15.59 -5.49 -13.18
CA SER C 589 -16.74 -6.35 -13.38
C SER C 589 -16.26 -7.78 -13.51
N THR C 590 -17.20 -8.72 -13.44
CA THR C 590 -16.88 -10.13 -13.52
C THR C 590 -16.88 -10.59 -14.97
N TRP C 591 -15.80 -11.24 -15.38
CA TRP C 591 -15.80 -11.99 -16.64
C TRP C 591 -16.71 -13.20 -16.48
N SER C 592 -17.67 -13.35 -17.38
CA SER C 592 -18.58 -14.47 -17.31
C SER C 592 -17.94 -15.71 -17.91
N ASN C 593 -18.45 -16.87 -17.51
CA ASN C 593 -18.04 -18.17 -18.04
C ASN C 593 -16.53 -18.34 -17.99
N VAL C 594 -15.98 -18.30 -16.78
CA VAL C 594 -14.55 -18.41 -16.56
C VAL C 594 -14.27 -19.75 -15.90
N ASN C 595 -13.41 -20.55 -16.51
CA ASN C 595 -13.02 -21.86 -16.00
C ASN C 595 -11.50 -21.88 -15.89
N THR C 596 -11.00 -21.75 -14.66
CA THR C 596 -9.57 -21.67 -14.39
C THR C 596 -9.05 -22.89 -13.64
N THR C 597 -9.78 -24.01 -13.71
CA THR C 597 -9.34 -25.25 -13.08
C THR C 597 -8.45 -26.02 -14.06
N ASN C 598 -7.27 -25.44 -14.29
CA ASN C 598 -6.30 -25.98 -15.23
C ASN C 598 -4.95 -25.35 -14.93
N GLN C 599 -3.90 -25.93 -15.50
CA GLN C 599 -2.56 -25.36 -15.48
C GLN C 599 -2.07 -25.12 -16.91
N ASP C 600 -2.96 -24.60 -17.76
CA ASP C 600 -2.70 -24.44 -19.18
C ASP C 600 -2.52 -22.98 -19.57
N GLY C 601 -2.32 -22.09 -18.59
CA GLY C 601 -2.12 -20.69 -18.91
C GLY C 601 -0.73 -20.40 -19.43
N LEU C 602 -0.60 -19.24 -20.06
CA LEU C 602 0.71 -18.68 -20.36
C LEU C 602 1.58 -18.72 -19.11
N GLN C 603 1.01 -18.31 -17.98
CA GLN C 603 1.48 -18.67 -16.66
C GLN C 603 0.33 -19.24 -15.86
N GLY C 604 0.62 -20.24 -15.05
CA GLY C 604 -0.39 -20.81 -14.15
C GLY C 604 -1.62 -21.29 -14.90
N SER C 605 -2.77 -20.77 -14.50
CA SER C 605 -4.05 -21.17 -15.08
C SER C 605 -4.45 -20.26 -16.23
N ALA C 606 -5.22 -20.83 -17.15
CA ALA C 606 -5.87 -20.07 -18.21
C ALA C 606 -7.37 -20.10 -17.99
N ASN C 607 -8.06 -19.20 -18.69
CA ASN C 607 -9.51 -19.34 -18.84
C ASN C 607 -9.74 -20.36 -19.94
N LYS C 608 -10.14 -21.57 -19.56
CA LYS C 608 -10.51 -22.59 -20.53
C LYS C 608 -11.89 -22.22 -21.06
N LEU C 609 -11.91 -21.55 -22.21
CA LEU C 609 -13.13 -20.98 -22.76
C LEU C 609 -13.88 -22.05 -23.54
N ASN C 610 -15.05 -22.45 -23.06
CA ASN C 610 -15.87 -23.46 -23.71
C ASN C 610 -16.92 -22.85 -24.63
N GLY C 611 -17.45 -21.70 -24.26
CA GLY C 611 -18.38 -20.97 -25.12
C GLY C 611 -18.02 -19.50 -25.17
N GLU C 612 -18.88 -18.66 -24.60
CA GLU C 612 -18.75 -17.22 -24.63
C GLU C 612 -18.33 -16.71 -23.25
N THR C 613 -17.31 -15.85 -23.23
CA THR C 613 -16.94 -15.11 -22.02
C THR C 613 -17.14 -13.62 -22.29
N LYS C 614 -17.84 -12.96 -21.38
CA LYS C 614 -18.27 -11.58 -21.57
C LYS C 614 -18.05 -10.79 -20.30
N ILE C 615 -17.56 -9.56 -20.45
CA ILE C 615 -17.48 -8.60 -19.36
C ILE C 615 -18.20 -7.33 -19.79
N LYS C 616 -19.04 -6.81 -18.91
CA LYS C 616 -19.73 -5.54 -19.10
C LYS C 616 -19.10 -4.53 -18.15
N ILE C 617 -18.50 -3.48 -18.71
CA ILE C 617 -17.78 -2.48 -17.94
C ILE C 617 -18.55 -1.17 -18.01
N PRO C 618 -19.05 -0.65 -16.89
CA PRO C 618 -19.74 0.65 -16.92
C PRO C 618 -18.76 1.78 -17.16
N MET C 619 -19.26 2.88 -17.73
CA MET C 619 -18.42 4.05 -17.97
C MET C 619 -17.95 4.70 -16.68
N SER C 620 -18.54 4.36 -15.54
CA SER C 620 -18.00 4.80 -14.26
C SER C 620 -16.64 4.19 -13.97
N GLU C 621 -16.26 3.14 -14.70
CA GLU C 621 -15.01 2.43 -14.48
C GLU C 621 -13.99 2.67 -15.59
N LEU C 622 -14.28 3.54 -16.54
CA LEU C 622 -13.36 3.89 -17.61
C LEU C 622 -13.31 5.40 -17.76
N LYS C 623 -12.24 5.88 -18.28
CA LYS C 623 -12.21 7.33 -18.40
C LYS C 623 -12.91 7.76 -19.68
N PRO C 624 -13.46 8.99 -19.71
CA PRO C 624 -14.15 9.45 -20.91
C PRO C 624 -13.18 9.84 -22.01
N TYR C 625 -13.64 9.65 -23.25
CA TYR C 625 -12.92 10.09 -24.44
C TYR C 625 -11.45 9.67 -24.41
N LYS C 626 -11.24 8.37 -24.23
CA LYS C 626 -9.92 7.77 -24.25
C LYS C 626 -9.87 6.67 -25.28
N ARG C 627 -8.70 6.47 -25.87
CA ARG C 627 -8.45 5.27 -26.67
C ARG C 627 -7.86 4.20 -25.76
N TYR C 628 -8.50 3.03 -25.73
CA TYR C 628 -8.03 1.89 -24.98
C TYR C 628 -7.65 0.77 -25.94
N VAL C 629 -6.73 -0.09 -25.51
CA VAL C 629 -6.43 -1.32 -26.22
C VAL C 629 -6.74 -2.49 -25.30
N PHE C 630 -7.56 -3.41 -25.78
CA PHE C 630 -7.82 -4.67 -25.09
C PHE C 630 -6.87 -5.71 -25.65
N SER C 631 -6.02 -6.27 -24.80
CA SER C 631 -5.05 -7.27 -25.21
C SER C 631 -5.24 -8.55 -24.40
N GLY C 632 -4.69 -9.63 -24.93
CA GLY C 632 -4.72 -10.91 -24.26
C GLY C 632 -3.94 -11.91 -25.05
N TYR C 633 -3.80 -13.10 -24.47
CA TYR C 633 -3.15 -14.22 -25.13
C TYR C 633 -4.14 -15.36 -25.25
N SER C 634 -4.10 -16.05 -26.37
CA SER C 634 -4.99 -17.18 -26.63
C SER C 634 -4.18 -18.32 -27.22
N LYS C 635 -4.72 -19.53 -27.07
CA LYS C 635 -4.13 -20.71 -27.69
C LYS C 635 -5.21 -21.76 -27.82
N ASP C 636 -4.97 -22.70 -28.74
CA ASP C 636 -5.82 -23.87 -28.87
C ASP C 636 -4.94 -25.05 -29.29
N PRO C 637 -4.68 -25.99 -28.38
CA PRO C 637 -3.65 -27.01 -28.67
C PRO C 637 -4.03 -27.98 -29.77
N LEU C 638 -5.29 -28.41 -29.85
CA LEU C 638 -5.69 -29.47 -30.76
C LEU C 638 -6.58 -29.03 -31.91
N THR C 639 -7.13 -27.82 -31.86
CA THR C 639 -7.94 -27.29 -32.94
C THR C 639 -7.45 -25.91 -33.30
N SER C 640 -7.81 -25.45 -34.50
CA SER C 640 -7.53 -24.09 -34.93
C SER C 640 -8.78 -23.22 -34.89
N ASN C 641 -9.77 -23.61 -34.09
CA ASN C 641 -11.04 -22.90 -33.93
C ASN C 641 -10.85 -21.40 -33.85
N SER C 642 -11.59 -20.67 -34.68
CA SER C 642 -11.59 -19.21 -34.58
C SER C 642 -12.26 -18.77 -33.28
N ILE C 643 -11.63 -17.81 -32.61
CA ILE C 643 -12.21 -17.13 -31.47
C ILE C 643 -12.87 -15.86 -31.97
N ILE C 644 -14.16 -15.71 -31.70
CA ILE C 644 -14.85 -14.48 -32.06
C ILE C 644 -14.64 -13.46 -30.96
N VAL C 645 -14.05 -12.31 -31.32
CA VAL C 645 -13.85 -11.20 -30.39
C VAL C 645 -14.81 -10.09 -30.80
N LYS C 646 -15.57 -9.60 -29.83
CA LYS C 646 -16.57 -8.56 -30.05
C LYS C 646 -16.41 -7.50 -28.97
N ILE C 647 -16.24 -6.25 -29.37
CA ILE C 647 -16.11 -5.15 -28.43
C ILE C 647 -17.18 -4.11 -28.78
N LYS C 648 -17.97 -3.74 -27.78
CA LYS C 648 -19.00 -2.72 -27.92
C LYS C 648 -18.59 -1.53 -27.06
N ALA C 649 -18.07 -0.49 -27.71
CA ALA C 649 -17.70 0.75 -27.03
C ALA C 649 -18.34 1.93 -27.74
N LYS C 650 -17.53 2.85 -28.27
CA LYS C 650 -18.10 3.89 -29.11
C LYS C 650 -18.53 3.32 -30.46
N GLU C 651 -17.89 2.25 -30.91
CA GLU C 651 -18.34 1.44 -32.04
C GLU C 651 -18.51 0.01 -31.56
N GLU C 652 -19.20 -0.79 -32.38
CA GLU C 652 -19.31 -2.23 -32.16
C GLU C 652 -18.56 -2.92 -33.30
N LYS C 653 -17.45 -3.58 -32.96
CA LYS C 653 -16.61 -4.26 -33.92
C LYS C 653 -16.44 -5.72 -33.53
N THR C 654 -16.45 -6.59 -34.54
CA THR C 654 -16.26 -8.01 -34.36
C THR C 654 -15.08 -8.47 -35.21
N ASP C 655 -14.24 -9.33 -34.64
CA ASP C 655 -13.12 -9.89 -35.38
C ASP C 655 -12.96 -11.36 -35.06
N TYR C 656 -12.53 -12.13 -36.06
CA TYR C 656 -12.31 -13.56 -35.93
C TYR C 656 -10.81 -13.81 -35.77
N LEU C 657 -10.45 -14.48 -34.68
CA LEU C 657 -9.07 -14.67 -34.28
C LEU C 657 -8.73 -16.15 -34.35
N VAL C 658 -7.62 -16.48 -35.00
CA VAL C 658 -7.14 -17.85 -35.11
C VAL C 658 -6.03 -18.05 -34.09
N PRO C 659 -6.22 -18.88 -33.07
CA PRO C 659 -5.15 -19.21 -32.15
C PRO C 659 -4.32 -20.40 -32.64
N GLU C 660 -3.06 -20.39 -32.25
CA GLU C 660 -2.15 -21.48 -32.56
C GLU C 660 -2.04 -22.42 -31.36
N GLN C 661 -1.21 -23.45 -31.51
CA GLN C 661 -1.01 -24.41 -30.42
C GLN C 661 -0.37 -23.72 -29.21
N GLY C 662 0.60 -22.85 -29.46
CA GLY C 662 1.16 -22.02 -28.41
C GLY C 662 0.47 -20.68 -28.32
N TYR C 663 0.74 -19.98 -27.22
CA TYR C 663 0.08 -18.70 -26.99
C TYR C 663 0.59 -17.63 -27.95
N THR C 664 -0.35 -16.87 -28.50
CA THR C 664 -0.05 -15.68 -29.28
C THR C 664 -0.85 -14.52 -28.74
N LYS C 665 -0.34 -13.31 -28.94
CA LYS C 665 -1.00 -12.11 -28.46
C LYS C 665 -1.99 -11.59 -29.48
N PHE C 666 -3.10 -11.05 -28.97
CA PHE C 666 -4.05 -10.30 -29.77
C PHE C 666 -4.26 -8.94 -29.13
N SER C 667 -4.63 -7.96 -29.95
CA SER C 667 -4.87 -6.62 -29.44
C SER C 667 -5.96 -5.95 -30.26
N TYR C 668 -6.87 -5.29 -29.56
CA TYR C 668 -7.96 -4.55 -30.20
C TYR C 668 -8.11 -3.21 -29.50
N GLU C 669 -8.08 -2.14 -30.29
CA GLU C 669 -8.28 -0.81 -29.74
C GLU C 669 -9.76 -0.47 -29.75
N PHE C 670 -10.19 0.27 -28.73
CA PHE C 670 -11.55 0.76 -28.66
C PHE C 670 -11.53 2.11 -27.95
N GLU C 671 -12.64 2.84 -28.06
CA GLU C 671 -12.71 4.21 -27.58
C GLU C 671 -13.94 4.38 -26.70
N THR C 672 -13.78 5.17 -25.65
CA THR C 672 -14.89 5.61 -24.82
C THR C 672 -15.34 7.00 -25.27
N THR C 673 -16.59 7.32 -24.93
CA THR C 673 -17.08 8.67 -25.19
C THR C 673 -17.45 9.34 -23.86
N GLU C 674 -18.68 9.79 -23.73
CA GLU C 674 -19.05 10.56 -22.54
C GLU C 674 -19.14 9.66 -21.31
N LYS C 675 -19.19 10.31 -20.14
CA LYS C 675 -19.42 9.58 -18.90
C LYS C 675 -20.77 8.88 -18.91
N ASP C 676 -21.77 9.47 -19.55
CA ASP C 676 -23.12 8.92 -19.61
C ASP C 676 -23.27 7.81 -20.65
N SER C 677 -22.19 7.30 -21.20
CA SER C 677 -22.28 6.31 -22.25
C SER C 677 -22.74 4.96 -21.70
N SER C 678 -23.22 4.11 -22.60
CA SER C 678 -23.58 2.75 -22.23
C SER C 678 -22.33 1.97 -21.83
N ASN C 679 -22.55 0.79 -21.29
CA ASN C 679 -21.44 -0.05 -20.84
C ASN C 679 -20.54 -0.43 -22.01
N ILE C 680 -19.26 -0.54 -21.73
CA ILE C 680 -18.33 -1.19 -22.64
C ILE C 680 -18.46 -2.69 -22.44
N GLU C 681 -18.68 -3.42 -23.53
CA GLU C 681 -18.88 -4.87 -23.48
C GLU C 681 -17.82 -5.53 -24.34
N ILE C 682 -17.07 -6.45 -23.74
CA ILE C 682 -16.02 -7.20 -24.44
C ILE C 682 -16.40 -8.67 -24.36
N THR C 683 -16.51 -9.31 -25.52
CA THR C 683 -17.00 -10.68 -25.63
C THR C 683 -16.00 -11.51 -26.42
N LEU C 684 -15.64 -12.68 -25.88
CA LEU C 684 -14.83 -13.66 -26.58
C LEU C 684 -15.55 -14.99 -26.60
N ILE C 685 -15.63 -15.60 -27.78
CA ILE C 685 -16.34 -16.86 -27.98
C ILE C 685 -15.34 -17.88 -28.49
N GLY C 686 -15.12 -18.94 -27.70
CA GLY C 686 -14.29 -20.05 -28.08
C GLY C 686 -15.09 -21.32 -28.32
N SER C 687 -14.39 -22.44 -28.36
CA SER C 687 -15.04 -23.71 -28.68
C SER C 687 -14.40 -24.88 -27.95
N GLY C 688 -14.41 -24.84 -26.61
CA GLY C 688 -14.07 -26.02 -25.84
C GLY C 688 -12.63 -26.14 -25.40
N THR C 689 -11.69 -26.09 -26.35
CA THR C 689 -10.27 -26.17 -26.05
C THR C 689 -9.57 -24.85 -26.33
N THR C 690 -10.32 -23.75 -26.34
CA THR C 690 -9.74 -22.42 -26.39
C THR C 690 -9.27 -22.01 -25.00
N TYR C 691 -8.05 -21.51 -24.91
CA TYR C 691 -7.49 -21.04 -23.65
C TYR C 691 -7.16 -19.56 -23.77
N LEU C 692 -7.55 -18.79 -22.76
CA LEU C 692 -7.28 -17.36 -22.69
C LEU C 692 -6.46 -17.05 -21.46
N ASP C 693 -5.58 -16.06 -21.58
CA ASP C 693 -4.74 -15.68 -20.45
C ASP C 693 -4.33 -14.21 -20.60
N ASN C 694 -4.01 -13.61 -19.46
CA ASN C 694 -3.43 -12.27 -19.38
C ASN C 694 -4.23 -11.26 -20.20
N LEU C 695 -5.51 -11.12 -19.85
CA LEU C 695 -6.37 -10.14 -20.49
C LEU C 695 -6.16 -8.78 -19.85
N SER C 696 -5.82 -7.79 -20.66
CA SER C 696 -5.52 -6.45 -20.18
C SER C 696 -6.32 -5.42 -20.96
N ILE C 697 -6.64 -4.33 -20.26
CA ILE C 697 -7.15 -3.11 -20.88
C ILE C 697 -6.18 -1.99 -20.52
N THR C 698 -5.56 -1.39 -21.53
CA THR C 698 -4.57 -0.35 -21.31
C THR C 698 -5.04 0.95 -21.93
N GLU C 699 -4.86 2.04 -21.18
CA GLU C 699 -5.18 3.38 -21.67
C GLU C 699 -4.05 3.86 -22.59
N LEU C 700 -4.44 4.44 -23.72
CA LEU C 700 -3.47 4.87 -24.72
C LEU C 700 -3.40 6.38 -24.89
N ASN C 701 -4.53 7.06 -25.07
CA ASN C 701 -4.51 8.49 -25.30
C ASN C 701 -5.92 9.05 -25.19
N SER C 702 -6.01 10.36 -25.03
CA SER C 702 -7.29 11.06 -25.07
C SER C 702 -7.72 11.28 -26.51
N THR C 703 -9.03 11.39 -26.70
CA THR C 703 -9.63 11.68 -27.99
C THR C 703 -10.43 12.97 -27.92
N PRO C 704 -10.69 13.61 -29.05
CA PRO C 704 -11.56 14.81 -29.04
C PRO C 704 -12.97 14.45 -28.58
N GLU C 705 -13.68 15.46 -28.10
CA GLU C 705 -14.90 15.28 -27.33
C GLU C 705 -16.18 15.44 -28.15
#